data_5O22
#
_entry.id   5O22
#
_cell.length_a   99.640
_cell.length_b   81.016
_cell.length_c   100.935
_cell.angle_alpha   90.00
_cell.angle_beta   112.95
_cell.angle_gamma   90.00
#
_symmetry.space_group_name_H-M   'P 1 21 1'
#
loop_
_entity.id
_entity.type
_entity.pdbx_description
1 polymer 'Bifunctional protein FolD'
2 polymer 'Bifunctional protein FolD'
3 polymer 'Bifunctional protein FolD'
4 polymer 'Bifunctional protein FolD'
5 non-polymer Carolacton
6 water water
#
loop_
_entity_poly.entity_id
_entity_poly.type
_entity_poly.pdbx_seq_one_letter_code
_entity_poly.pdbx_strand_id
1 'polypeptide(L)'
;MGAAKIIDGKTIAQQVRSEVAQKVQARIAAGLRAPGLAVVLVGSNPASQIYVASKRKACEEVGFVSRSYDLPETTSEAEL
LELIDTLNADNTIDGILVQLPLPAGIDNVKVLERIHPDKDVDGFHPYNVGRLCQRAPRLRPCTPRGIVTLLERYNIDTFG
LNAVVIGASNIVGRPMSMELLLAGCTTTVTHRFT(MLY)NLRHHVENADLLIVAVGKPGFIPGDWI(MLY)EGAIVIDVG
INRLENGKVVGDVVFEDAAKRASYITPVPGGVGPMTVATLIENTLQACVEYHDPQDE
;
A
2 'polypeptide(L)'
;MGAAKIIDGKTIAQQVRSEVAQKVQARIAAGLRAPGLAVVLVGSNPASQIYVASKRKACEEVGFVSRSYDLPETTSEAEL
LELIDTLNADNTIDGILVQLPLPAGIDNVKVLERIHPDKDVDGFHPYNVGRLCQRAPRLRPCTPRGIVTLLERYNIDTFG
LNAVVIGASNIVGRPMSMELLLAGCTTTVTHRFT(MLY)NLRHHVENADLLIVAVG(MLY)PGFIPGDWI(MLY)EGAIV
IDVGINRLENGKVVGDVVFEDAAKRASYITPVPGGVGPMTVATLIENTLQACVEYHDPQDE
;
B
3 'polypeptide(L)'
;MGAAKIIDGKTIAQQVRSEVAQ(MLY)VQARIAAGLRAPGLAVVLVGSNPASQIYVASKRKACEEVGFVSRSYDLPETTS
EAELLELIDTLNADNTIDGILVQLPLPAGIDNVKVLERIHPDKDVDGFHPYNVGRLCQRAPRLRPCTPRGIVTLLERYNI
DTFGLNAVVIGASNIVGRPMSMELLLAGCTTTVTHRFTKNLRHHVENADLLIVAVGKPGFIPGDWIKEGAIVIDVGINRL
ENGKVVGDVVFEDAAKRASYITPVPGGVGPMTVATLIENTLQACVEYHDPQDE
;
C
4 'polypeptide(L)'
;MGAAKIIDGKTIAQQVRSEVAQKVQARIAAGLRAPGLAVVLVGSNPASQIYVASKRKACEEVGFVSRSYDLPETTSEAEL
LELIDTLNADNTIDGILVQLPLPAGIDNVKVLERIHPDKDVDGFHPYNVGRLCQRAPRLRPCTPRGIVTLLERYNIDTFG
LNAVVIGASNIVGRPMSMELLLAGCTTTVTHRFTKNLRHHVENADLLIVAVGKPGFIPGDWIKEGAIVIDVGINRLENGK
VVGDVVFEDAAKRASYITPVPGGVGPMTVATLIENTLQACVEYHDPQDE
;
D
#
loop_
_chem_comp.id
_chem_comp.type
_chem_comp.name
_chem_comp.formula
C3R non-polymer Carolacton 'C25 H40 O8'
#
# COMPACT_ATOMS: atom_id res chain seq x y z
N ALA A 3 4.61 23.08 29.35
CA ALA A 3 5.22 24.07 28.46
C ALA A 3 5.96 23.40 27.31
N ALA A 4 5.93 24.04 26.15
CA ALA A 4 6.51 23.46 24.96
C ALA A 4 8.01 23.28 25.12
N LYS A 5 8.53 22.21 24.50
CA LYS A 5 9.96 22.04 24.39
C LYS A 5 10.47 22.83 23.18
N ILE A 6 11.71 23.27 23.29
CA ILE A 6 12.33 24.09 22.26
C ILE A 6 12.91 23.17 21.19
N ILE A 7 12.62 23.48 19.93
CA ILE A 7 13.35 22.90 18.82
C ILE A 7 14.53 23.83 18.58
N ASP A 8 15.71 23.43 19.06
CA ASP A 8 16.90 24.29 19.12
C ASP A 8 17.66 24.17 17.80
N GLY A 9 17.18 24.93 16.80
CA GLY A 9 17.76 24.83 15.47
C GLY A 9 19.20 25.28 15.42
N LYS A 10 19.55 26.30 16.21
CA LYS A 10 20.94 26.71 16.30
C LYS A 10 21.83 25.54 16.67
N THR A 11 21.44 24.78 17.69
CA THR A 11 22.23 23.63 18.11
C THR A 11 22.22 22.54 17.04
N ILE A 12 21.07 22.24 16.46
CA ILE A 12 21.00 21.23 15.42
C ILE A 12 21.88 21.63 14.23
N ALA A 13 21.76 22.89 13.79
CA ALA A 13 22.57 23.36 12.67
C ALA A 13 24.06 23.17 12.95
N GLN A 14 24.49 23.45 14.17
CA GLN A 14 25.91 23.30 14.49
C GLN A 14 26.33 21.84 14.40
N GLN A 15 25.45 20.91 14.78
CA GLN A 15 25.77 19.50 14.66
C GLN A 15 25.83 19.06 13.20
N VAL A 16 24.91 19.54 12.37
CA VAL A 16 24.94 19.24 10.94
C VAL A 16 26.22 19.77 10.34
N ARG A 17 26.61 21.00 10.70
CA ARG A 17 27.84 21.55 10.17
C ARG A 17 29.04 20.76 10.66
N SER A 18 29.03 20.32 11.92
CA SER A 18 30.15 19.54 12.43
C SER A 18 30.26 18.21 11.71
N GLU A 19 29.12 17.62 11.34
CA GLU A 19 29.11 16.35 10.62
C GLU A 19 29.65 16.51 9.20
N VAL A 20 29.26 17.59 8.51
CA VAL A 20 29.86 17.89 7.21
C VAL A 20 31.36 18.11 7.36
N ALA A 21 31.77 18.85 8.39
CA ALA A 21 33.18 19.17 8.53
C ALA A 21 34.01 17.91 8.74
N GLN A 22 33.49 16.95 9.51
CA GLN A 22 34.21 15.71 9.74
C GLN A 22 34.22 14.84 8.49
N LYS A 23 33.15 14.87 7.70
CA LYS A 23 33.20 14.16 6.42
C LYS A 23 34.27 14.75 5.51
N VAL A 24 34.42 16.08 5.49
CA VAL A 24 35.48 16.71 4.72
C VAL A 24 36.84 16.29 5.25
N GLN A 25 37.02 16.30 6.57
CA GLN A 25 38.25 15.77 7.18
C GLN A 25 38.59 14.39 6.62
N ALA A 26 37.60 13.50 6.57
CA ALA A 26 37.85 12.14 6.10
C ALA A 26 38.19 12.13 4.62
N ARG A 27 37.56 12.99 3.82
CA ARG A 27 37.94 13.09 2.42
C ARG A 27 39.41 13.50 2.28
N ILE A 28 39.84 14.49 3.08
CA ILE A 28 41.24 14.94 3.03
C ILE A 28 42.18 13.81 3.42
N ALA A 29 41.86 13.07 4.49
CA ALA A 29 42.71 11.97 4.90
C ALA A 29 42.81 10.90 3.81
N ALA A 30 41.73 10.68 3.06
CA ALA A 30 41.76 9.74 1.96
C ALA A 30 42.39 10.32 0.68
N GLY A 31 42.80 11.58 0.69
CA GLY A 31 43.43 12.17 -0.47
C GLY A 31 42.49 12.80 -1.49
N LEU A 32 41.22 13.01 -1.13
CA LEU A 32 40.25 13.58 -2.04
C LEU A 32 40.12 15.08 -1.83
N ARG A 33 39.64 15.77 -2.87
CA ARG A 33 39.50 17.21 -2.79
C ARG A 33 38.35 17.58 -1.86
N ALA A 34 38.46 18.79 -1.30
CA ALA A 34 37.35 19.37 -0.55
C ALA A 34 36.24 19.76 -1.52
N PRO A 35 34.98 19.75 -1.08
CA PRO A 35 33.91 20.31 -1.90
C PRO A 35 34.14 21.81 -2.14
N GLY A 36 33.62 22.28 -3.27
CA GLY A 36 33.82 23.66 -3.68
C GLY A 36 32.52 24.35 -4.03
N LEU A 37 32.39 25.59 -3.56
CA LEU A 37 31.19 26.40 -3.79
C LEU A 37 31.58 27.72 -4.46
N ALA A 38 30.93 28.04 -5.56
CA ALA A 38 31.14 29.30 -6.26
C ALA A 38 29.92 30.19 -6.07
N VAL A 39 30.16 31.46 -5.78
CA VAL A 39 29.12 32.47 -5.59
C VAL A 39 29.36 33.59 -6.60
N VAL A 40 28.33 33.91 -7.38
CA VAL A 40 28.43 34.92 -8.44
C VAL A 40 27.61 36.12 -8.01
N LEU A 41 28.24 37.29 -7.98
CA LEU A 41 27.58 38.53 -7.63
C LEU A 41 27.79 39.53 -8.75
N VAL A 42 26.72 40.21 -9.14
CA VAL A 42 26.74 41.20 -10.21
C VAL A 42 26.14 42.48 -9.64
N GLY A 43 26.98 43.49 -9.42
CA GLY A 43 26.56 44.70 -8.72
C GLY A 43 26.80 44.60 -7.22
N SER A 44 26.03 45.39 -6.46
CA SER A 44 26.13 45.40 -5.00
C SER A 44 24.74 45.52 -4.38
N ASN A 45 24.65 45.11 -3.11
CA ASN A 45 23.39 45.10 -2.37
C ASN A 45 23.55 44.35 -1.05
N TYR A 51 24.06 38.42 3.93
CA TYR A 51 23.86 36.98 4.10
C TYR A 51 24.93 36.21 3.34
N VAL A 52 25.52 36.85 2.33
CA VAL A 52 26.58 36.23 1.57
C VAL A 52 27.79 35.99 2.47
N ALA A 53 28.18 37.00 3.25
CA ALA A 53 29.31 36.84 4.15
C ALA A 53 29.06 35.73 5.16
N SER A 54 27.82 35.56 5.61
CA SER A 54 27.53 34.53 6.61
C SER A 54 27.56 33.12 6.01
N LYS A 55 27.05 32.96 4.80
CA LYS A 55 27.12 31.66 4.14
C LYS A 55 28.56 31.30 3.81
N ARG A 56 29.36 32.27 3.37
CA ARG A 56 30.78 32.02 3.10
C ARG A 56 31.51 31.65 4.38
N LYS A 57 31.33 32.44 5.42
CA LYS A 57 31.73 32.08 6.77
C LYS A 57 31.51 30.59 7.03
N ALA A 58 30.27 30.12 6.85
CA ALA A 58 29.93 28.73 7.16
C ALA A 58 30.68 27.74 6.27
N CYS A 59 30.95 28.13 5.02
CA CYS A 59 31.74 27.28 4.13
C CYS A 59 33.20 27.16 4.61
N GLU A 60 33.78 28.25 5.11
CA GLU A 60 35.14 28.19 5.65
C GLU A 60 35.21 27.33 6.90
N GLU A 61 34.14 27.36 7.72
CA GLU A 61 34.11 26.60 8.96
C GLU A 61 34.19 25.10 8.71
N VAL A 62 33.67 24.61 7.59
CA VAL A 62 33.63 23.18 7.32
C VAL A 62 34.71 22.75 6.33
N GLY A 63 35.63 23.65 5.96
CA GLY A 63 36.79 23.26 5.18
C GLY A 63 36.53 23.16 3.69
N PHE A 64 35.49 23.81 3.20
CA PHE A 64 35.19 23.85 1.78
C PHE A 64 36.16 24.78 1.05
N VAL A 65 36.31 24.54 -0.23
CA VAL A 65 36.78 25.58 -1.12
C VAL A 65 35.63 26.53 -1.38
N SER A 66 35.92 27.84 -1.36
CA SER A 66 34.95 28.85 -1.75
C SER A 66 35.56 29.74 -2.81
N ARG A 67 34.71 30.22 -3.72
CA ARG A 67 35.15 31.06 -4.82
C ARG A 67 34.06 32.11 -5.08
N SER A 68 34.43 33.38 -5.05
CA SER A 68 33.51 34.48 -5.26
C SER A 68 33.87 35.20 -6.56
N TYR A 69 32.88 35.37 -7.43
CA TYR A 69 33.01 36.21 -8.61
C TYR A 69 32.24 37.50 -8.34
N ASP A 70 32.93 38.63 -8.34
CA ASP A 70 32.32 39.93 -8.14
C ASP A 70 32.42 40.68 -9.46
N LEU A 71 31.32 40.74 -10.19
CA LEU A 71 31.33 41.28 -11.53
C LEU A 71 30.69 42.66 -11.56
N PRO A 72 31.15 43.55 -12.44
CA PRO A 72 30.56 44.89 -12.50
C PRO A 72 29.14 44.86 -13.04
N GLU A 73 28.39 45.90 -12.69
CA GLU A 73 27.03 46.06 -13.20
C GLU A 73 27.00 46.18 -14.72
N THR A 74 28.14 46.40 -15.36
CA THR A 74 28.25 46.42 -16.81
C THR A 74 28.21 45.02 -17.42
N THR A 75 28.16 43.97 -16.62
CA THR A 75 28.23 42.61 -17.14
C THR A 75 26.99 42.31 -17.97
N SER A 76 27.21 41.83 -19.19
CA SER A 76 26.11 41.49 -20.06
C SER A 76 25.56 40.10 -19.72
N GLU A 77 24.36 39.83 -20.22
CA GLU A 77 23.77 38.51 -20.03
C GLU A 77 24.62 37.43 -20.68
N ALA A 78 25.20 37.72 -21.84
CA ALA A 78 26.01 36.71 -22.52
C ALA A 78 27.23 36.34 -21.71
N GLU A 79 27.91 37.33 -21.11
CA GLU A 79 29.08 37.06 -20.28
C GLU A 79 28.68 36.24 -19.06
N LEU A 80 27.59 36.64 -18.40
CA LEU A 80 27.13 35.90 -17.24
C LEU A 80 26.81 34.45 -17.59
N LEU A 81 26.17 34.21 -18.74
CA LEU A 81 25.85 32.84 -19.13
C LEU A 81 27.12 32.07 -19.43
N GLU A 82 28.11 32.72 -20.03
CA GLU A 82 29.40 32.08 -20.27
C GLU A 82 30.06 31.68 -18.95
N LEU A 83 29.96 32.52 -17.92
CA LEU A 83 30.53 32.17 -16.63
C LEU A 83 29.86 30.94 -16.05
N ILE A 84 28.51 30.89 -16.10
CA ILE A 84 27.81 29.71 -15.59
C ILE A 84 28.25 28.46 -16.34
N ASP A 85 28.36 28.56 -17.68
CA ASP A 85 28.87 27.44 -18.45
C ASP A 85 30.24 27.00 -17.93
N THR A 86 31.15 27.95 -17.71
CA THR A 86 32.48 27.64 -17.20
C THR A 86 32.40 26.95 -15.84
N LEU A 87 31.56 27.46 -14.95
CA LEU A 87 31.40 26.84 -13.64
C LEU A 87 30.73 25.48 -13.75
N ASN A 88 29.76 25.32 -14.64
CA ASN A 88 29.15 24.01 -14.82
C ASN A 88 30.20 22.97 -15.19
N ALA A 89 31.22 23.38 -15.95
CA ALA A 89 32.23 22.46 -16.45
C ALA A 89 33.45 22.34 -15.55
N ASP A 90 33.53 23.12 -14.48
CA ASP A 90 34.69 23.10 -13.59
C ASP A 90 34.51 21.99 -12.56
N ASN A 91 35.32 20.94 -12.65
CA ASN A 91 35.18 19.75 -11.81
C ASN A 91 35.51 20.00 -10.35
N THR A 92 36.13 21.13 -10.01
CA THR A 92 36.40 21.48 -8.62
C THR A 92 35.24 22.25 -7.98
N ILE A 93 34.19 22.55 -8.74
CA ILE A 93 33.04 23.29 -8.24
C ILE A 93 31.87 22.33 -8.15
N ASP A 94 31.32 22.19 -6.96
CA ASP A 94 30.18 21.32 -6.72
C ASP A 94 28.87 22.07 -6.58
N GLY A 95 28.93 23.34 -6.20
CA GLY A 95 27.75 24.15 -6.05
C GLY A 95 27.97 25.52 -6.66
N ILE A 96 26.90 26.05 -7.26
CA ILE A 96 26.88 27.38 -7.86
C ILE A 96 25.72 28.15 -7.26
N LEU A 97 26.00 29.33 -6.73
CA LEU A 97 24.99 30.26 -6.24
C LEU A 97 25.12 31.55 -7.02
N VAL A 98 24.00 32.06 -7.54
CA VAL A 98 23.95 33.37 -8.19
C VAL A 98 23.08 34.26 -7.32
N GLN A 99 23.65 35.36 -6.86
CA GLN A 99 22.92 36.26 -5.97
C GLN A 99 21.96 37.14 -6.75
N LEU A 100 20.76 37.32 -6.19
CA LEU A 100 19.76 38.22 -6.73
C LEU A 100 19.61 39.43 -5.81
N PRO A 101 19.25 40.61 -6.36
CA PRO A 101 18.87 40.83 -7.76
C PRO A 101 20.07 40.99 -8.70
N LEU A 102 19.82 40.72 -9.98
CA LEU A 102 20.77 41.00 -11.05
C LEU A 102 20.41 42.32 -11.73
N PRO A 103 21.36 42.92 -12.46
CA PRO A 103 21.04 44.15 -13.20
C PRO A 103 19.76 44.01 -14.01
N ALA A 104 19.03 45.12 -14.14
CA ALA A 104 17.68 45.08 -14.70
C ALA A 104 17.66 44.54 -16.12
N GLY A 105 18.74 44.71 -16.88
CA GLY A 105 18.74 44.27 -18.27
C GLY A 105 18.93 42.78 -18.49
N ILE A 106 19.04 41.98 -17.43
CA ILE A 106 19.43 40.58 -17.54
C ILE A 106 18.27 39.70 -17.13
N ASP A 107 18.06 38.62 -17.87
CA ASP A 107 16.96 37.69 -17.63
C ASP A 107 17.33 36.76 -16.48
N ASN A 108 16.76 37.02 -15.31
CA ASN A 108 16.96 36.17 -14.13
C ASN A 108 16.78 34.68 -14.46
N VAL A 109 15.67 34.35 -15.11
CA VAL A 109 15.30 32.94 -15.24
C VAL A 109 16.30 32.20 -16.12
N LYS A 110 16.67 32.79 -17.25
CA LYS A 110 17.62 32.12 -18.13
C LYS A 110 18.95 31.88 -17.44
N VAL A 111 19.37 32.80 -16.58
CA VAL A 111 20.66 32.65 -15.91
C VAL A 111 20.59 31.56 -14.85
N LEU A 112 19.53 31.59 -14.03
CA LEU A 112 19.42 30.60 -12.96
C LEU A 112 19.17 29.20 -13.51
N GLU A 113 18.40 29.09 -14.58
CA GLU A 113 18.16 27.79 -15.18
C GLU A 113 19.36 27.25 -15.94
N ARG A 114 20.35 28.10 -16.28
CA ARG A 114 21.56 27.62 -16.93
C ARG A 114 22.44 26.80 -15.98
N ILE A 115 22.33 27.04 -14.67
CA ILE A 115 23.07 26.24 -13.69
C ILE A 115 22.69 24.77 -13.83
N HIS A 116 23.68 23.89 -13.92
CA HIS A 116 23.40 22.46 -13.97
CA HIS A 116 23.37 22.48 -13.98
C HIS A 116 22.68 22.05 -12.69
N PRO A 117 21.59 21.28 -12.77
CA PRO A 117 20.86 20.93 -11.54
C PRO A 117 21.69 20.25 -10.48
N ASP A 118 22.71 19.48 -10.84
CA ASP A 118 23.49 18.83 -9.79
C ASP A 118 24.54 19.76 -9.19
N LYS A 119 24.56 21.03 -9.58
CA LYS A 119 25.28 22.06 -8.85
C LYS A 119 24.35 23.09 -8.22
N ASP A 120 23.03 22.91 -8.34
CA ASP A 120 22.06 23.87 -7.80
C ASP A 120 21.85 23.57 -6.32
N VAL A 121 22.82 23.98 -5.51
CA VAL A 121 22.78 23.63 -4.10
C VAL A 121 21.71 24.41 -3.36
N ASP A 122 21.24 25.52 -3.92
CA ASP A 122 20.07 26.20 -3.36
C ASP A 122 18.80 25.39 -3.58
N GLY A 123 18.76 24.53 -4.59
CA GLY A 123 17.66 23.63 -4.79
C GLY A 123 16.45 24.23 -5.48
N PHE A 124 16.58 25.34 -6.20
CA PHE A 124 15.42 25.97 -6.80
C PHE A 124 15.43 25.96 -8.32
N HIS A 125 16.33 25.22 -8.93
CA HIS A 125 16.17 24.91 -10.34
C HIS A 125 14.88 24.11 -10.53
N PRO A 126 14.03 24.43 -11.50
CA PRO A 126 12.78 23.67 -11.67
C PRO A 126 12.98 22.17 -11.80
N TYR A 127 14.09 21.70 -12.39
CA TYR A 127 14.34 20.27 -12.43
C TYR A 127 14.41 19.66 -11.03
N ASN A 128 15.08 20.35 -10.09
CA ASN A 128 15.20 19.85 -8.73
C ASN A 128 13.87 19.92 -7.99
N VAL A 129 13.13 21.02 -8.15
CA VAL A 129 11.80 21.10 -7.54
C VAL A 129 10.92 19.99 -8.09
N GLY A 130 10.96 19.80 -9.41
CA GLY A 130 10.15 18.76 -10.03
C GLY A 130 10.50 17.37 -9.55
N ARG A 131 11.80 17.10 -9.35
CA ARG A 131 12.21 15.80 -8.87
C ARG A 131 11.66 15.54 -7.46
N LEU A 132 11.68 16.56 -6.60
CA LEU A 132 11.09 16.43 -5.27
C LEU A 132 9.58 16.21 -5.36
N CYS A 133 8.90 16.97 -6.22
CA CYS A 133 7.47 16.76 -6.43
CA CYS A 133 7.48 16.75 -6.45
C CYS A 133 7.18 15.31 -6.84
N GLN A 134 8.12 14.68 -7.55
CA GLN A 134 7.92 13.33 -8.08
C GLN A 134 8.47 12.25 -7.17
N ARG A 135 8.77 12.56 -5.91
CA ARG A 135 9.20 11.55 -4.93
C ARG A 135 10.59 11.02 -5.23
N ALA A 136 11.37 11.75 -6.01
CA ALA A 136 12.71 11.31 -6.40
C ALA A 136 13.67 12.48 -6.24
N PRO A 137 13.81 13.00 -5.02
CA PRO A 137 14.56 14.25 -4.84
C PRO A 137 16.04 14.09 -5.17
N ARG A 138 16.61 15.17 -5.69
CA ARG A 138 18.05 15.29 -5.82
C ARG A 138 18.51 16.33 -4.81
N LEU A 139 19.03 17.47 -5.27
CA LEU A 139 19.28 18.58 -4.36
C LEU A 139 17.95 19.27 -4.05
N ARG A 140 17.68 19.50 -2.79
CA ARG A 140 16.38 19.95 -2.37
C ARG A 140 16.42 21.39 -1.88
N PRO A 141 15.33 22.14 -2.06
CA PRO A 141 15.24 23.49 -1.47
C PRO A 141 15.66 23.48 -0.01
N CYS A 142 16.47 24.48 0.36
CA CYS A 142 17.23 24.41 1.61
C CYS A 142 16.35 24.57 2.84
N THR A 143 15.41 25.52 2.82
CA THR A 143 14.64 25.76 4.04
C THR A 143 13.70 24.61 4.33
N PRO A 144 12.90 24.10 3.39
CA PRO A 144 12.08 22.93 3.69
C PRO A 144 12.89 21.71 4.11
N ARG A 145 14.02 21.46 3.47
CA ARG A 145 14.83 20.30 3.85
C ARG A 145 15.42 20.47 5.24
N GLY A 146 15.81 21.70 5.60
CA GLY A 146 16.29 21.93 6.96
C GLY A 146 15.23 21.66 7.99
N ILE A 147 13.97 21.96 7.67
CA ILE A 147 12.86 21.71 8.59
C ILE A 147 12.62 20.22 8.76
N VAL A 148 12.75 19.45 7.68
CA VAL A 148 12.65 18.00 7.81
C VAL A 148 13.77 17.46 8.71
N THR A 149 14.97 17.99 8.54
CA THR A 149 16.07 17.56 9.40
C THR A 149 15.78 17.87 10.87
N LEU A 150 15.20 19.03 11.15
CA LEU A 150 14.83 19.35 12.54
C LEU A 150 13.91 18.30 13.12
N LEU A 151 12.85 17.93 12.39
CA LEU A 151 11.93 16.92 12.87
C LEU A 151 12.63 15.59 13.07
N GLU A 152 13.52 15.22 12.15
CA GLU A 152 14.26 13.98 12.30
C GLU A 152 15.12 13.99 13.55
N ARG A 153 15.89 15.07 13.75
CA ARG A 153 16.82 15.11 14.87
C ARG A 153 16.11 15.14 16.22
N TYR A 154 14.84 15.54 16.26
CA TYR A 154 14.05 15.50 17.48
C TYR A 154 13.14 14.27 17.54
N ASN A 155 13.36 13.32 16.63
CA ASN A 155 12.69 12.01 16.65
C ASN A 155 11.17 12.16 16.57
N ILE A 156 10.72 13.15 15.81
CA ILE A 156 9.30 13.39 15.61
C ILE A 156 8.84 12.53 14.42
N ASP A 157 7.97 11.57 14.69
CA ASP A 157 7.45 10.73 13.60
C ASP A 157 6.43 11.52 12.78
N THR A 158 6.70 11.66 11.50
CA THR A 158 5.89 12.51 10.64
C THR A 158 4.75 11.75 9.96
N PHE A 159 4.85 10.42 9.86
CA PHE A 159 3.89 9.65 9.10
C PHE A 159 2.52 9.65 9.77
N GLY A 160 1.49 10.07 9.01
CA GLY A 160 0.15 10.15 9.52
C GLY A 160 -0.21 11.48 10.13
N LEU A 161 0.76 12.37 10.32
CA LEU A 161 0.45 13.67 10.92
C LEU A 161 -0.34 14.53 9.93
N ASN A 162 -1.32 15.25 10.45
CA ASN A 162 -2.01 16.29 9.71
C ASN A 162 -1.15 17.54 9.76
N ALA A 163 -0.53 17.89 8.64
CA ALA A 163 0.39 19.01 8.56
C ALA A 163 -0.28 20.15 7.81
N VAL A 164 -0.17 21.35 8.35
CA VAL A 164 -0.72 22.55 7.72
C VAL A 164 0.41 23.54 7.50
N VAL A 165 0.56 23.99 6.26
CA VAL A 165 1.53 25.01 5.89
C VAL A 165 0.79 26.32 5.71
N ILE A 166 1.25 27.35 6.39
CA ILE A 166 0.68 28.69 6.28
C ILE A 166 1.56 29.48 5.33
N GLY A 167 1.08 29.69 4.12
CA GLY A 167 1.82 30.38 3.09
C GLY A 167 2.22 29.40 2.00
N ALA A 168 2.19 29.87 0.75
CA ALA A 168 2.43 29.01 -0.41
C ALA A 168 3.55 29.58 -1.26
N SER A 169 4.57 30.15 -0.63
CA SER A 169 5.64 30.77 -1.37
C SER A 169 6.44 29.72 -2.15
N ASN A 170 7.03 30.17 -3.27
CA ASN A 170 7.90 29.28 -4.05
C ASN A 170 9.08 28.81 -3.21
N ILE A 171 9.55 29.65 -2.30
CA ILE A 171 10.79 29.37 -1.59
C ILE A 171 10.55 28.47 -0.38
N VAL A 172 9.35 28.49 0.20
CA VAL A 172 9.11 27.69 1.40
C VAL A 172 7.84 26.86 1.27
N GLY A 173 6.68 27.53 1.23
CA GLY A 173 5.42 26.82 1.39
C GLY A 173 5.22 25.71 0.37
N ARG A 174 5.40 26.03 -0.91
CA ARG A 174 5.14 25.04 -1.95
C ARG A 174 6.06 23.84 -1.83
N PRO A 175 7.40 24.00 -1.88
CA PRO A 175 8.28 22.82 -1.68
C PRO A 175 8.11 22.19 -0.31
N MET A 176 7.72 22.96 0.70
CA MET A 176 7.50 22.35 2.01
C MET A 176 6.43 21.28 1.95
N SER A 177 5.35 21.51 1.17
CA SER A 177 4.30 20.51 1.07
C SER A 177 4.81 19.21 0.43
N MET A 178 5.78 19.30 -0.49
CA MET A 178 6.27 18.08 -1.10
CA MET A 178 6.30 18.09 -1.11
C MET A 178 7.23 17.34 -0.18
N GLU A 179 8.00 18.06 0.65
CA GLU A 179 8.82 17.40 1.64
C GLU A 179 7.94 16.66 2.65
N LEU A 180 6.85 17.30 3.07
CA LEU A 180 5.96 16.71 4.06
C LEU A 180 5.26 15.48 3.50
N LEU A 181 4.81 15.55 2.24
CA LEU A 181 4.20 14.38 1.62
C LEU A 181 5.20 13.23 1.55
N LEU A 182 6.45 13.54 1.22
CA LEU A 182 7.47 12.52 1.22
C LEU A 182 7.72 11.97 2.62
N ALA A 183 7.50 12.78 3.65
CA ALA A 183 7.59 12.33 5.03
C ALA A 183 6.31 11.72 5.55
N GLY A 184 5.31 11.50 4.70
CA GLY A 184 4.12 10.78 5.10
C GLY A 184 3.06 11.60 5.79
N CYS A 185 3.16 12.93 5.76
CA CYS A 185 2.15 13.78 6.36
C CYS A 185 0.98 13.95 5.41
N THR A 186 -0.22 14.02 5.98
CA THR A 186 -1.34 14.62 5.26
C THR A 186 -1.12 16.12 5.25
N THR A 187 -1.06 16.70 4.06
CA THR A 187 -0.48 18.02 3.88
C THR A 187 -1.53 18.99 3.34
N THR A 188 -1.76 20.06 4.09
CA THR A 188 -2.62 21.17 3.68
C THR A 188 -1.77 22.40 3.46
N VAL A 189 -1.92 23.05 2.30
CA VAL A 189 -1.27 24.31 2.00
C VAL A 189 -2.34 25.39 2.02
N THR A 190 -2.18 26.36 2.92
CA THR A 190 -3.06 27.51 2.98
C THR A 190 -2.29 28.74 2.50
N HIS A 191 -3.05 29.78 2.15
CA HIS A 191 -2.46 30.99 1.58
C HIS A 191 -3.43 32.16 1.77
N ARG A 192 -3.24 33.23 1.00
CA ARG A 192 -4.01 34.45 1.22
C ARG A 192 -5.49 34.27 0.93
N PHE A 193 -5.87 33.34 0.08
CA PHE A 193 -7.27 33.13 -0.25
C PHE A 193 -7.93 32.05 0.60
N THR A 194 -7.24 31.52 1.62
CA THR A 194 -7.82 30.48 2.44
C THR A 194 -8.92 30.99 3.36
N MLY A 195 -10.07 30.31 3.29
CA MLY A 195 -11.21 30.64 4.14
CB MLY A 195 -12.51 30.23 3.45
CG MLY A 195 -12.61 30.67 1.99
CD MLY A 195 -14.02 30.58 1.47
CE MLY A 195 -14.10 30.68 -0.05
NZ MLY A 195 -15.29 31.44 -0.53
CH1 MLY A 195 -15.38 31.21 -1.98
CH2 MLY A 195 -16.53 30.92 0.08
C MLY A 195 -11.11 29.96 5.51
O MLY A 195 -10.89 28.76 5.62
H MLY A 195 -10.21 29.65 2.76
HA MLY A 195 -11.24 31.60 4.28
HB2 MLY A 195 -13.25 30.64 3.93
HB3 MLY A 195 -12.62 29.14 3.50
HG2 MLY A 195 -12.05 30.10 1.46
HG3 MLY A 195 -12.26 31.70 1.92
HD2 MLY A 195 -14.55 31.30 1.84
HD3 MLY A 195 -14.45 29.62 1.78
HE2 MLY A 195 -14.15 29.79 -0.42
HE3 MLY A 195 -13.19 31.17 -0.41
HH11 MLY A 195 -16.24 31.76 -2.38
HH12 MLY A 195 -15.50 30.15 -2.18
HH13 MLY A 195 -14.48 31.57 -2.47
HH21 MLY A 195 -17.39 31.41 -0.38
HH22 MLY A 195 -16.53 31.13 1.14
HH23 MLY A 195 -16.60 29.85 -0.09
N ASN A 196 -11.25 30.76 6.57
CA ASN A 196 -11.27 30.26 7.94
C ASN A 196 -9.98 29.51 8.30
N LEU A 197 -8.87 30.26 8.37
CA LEU A 197 -7.58 29.66 8.71
C LEU A 197 -7.64 28.93 10.04
N ARG A 198 -8.43 29.45 10.99
CA ARG A 198 -8.45 28.86 12.32
C ARG A 198 -8.87 27.39 12.27
N HIS A 199 -9.83 27.06 11.41
CA HIS A 199 -10.26 25.68 11.30
C HIS A 199 -9.11 24.76 10.89
N HIS A 200 -8.27 25.21 9.95
CA HIS A 200 -7.12 24.42 9.55
C HIS A 200 -6.08 24.34 10.68
N VAL A 201 -5.75 25.47 11.30
CA VAL A 201 -4.72 25.48 12.33
C VAL A 201 -5.12 24.58 13.51
N GLU A 202 -6.41 24.57 13.86
CA GLU A 202 -6.86 23.82 15.03
C GLU A 202 -6.72 22.32 14.85
N ASN A 203 -6.67 21.83 13.62
CA ASN A 203 -6.53 20.41 13.33
C ASN A 203 -5.10 20.00 13.06
N ALA A 204 -4.15 20.94 13.08
CA ALA A 204 -2.79 20.66 12.63
C ALA A 204 -1.96 20.08 13.76
N ASP A 205 -1.52 18.82 13.59
CA ASP A 205 -0.51 18.27 14.48
C ASP A 205 0.84 18.89 14.23
N LEU A 206 1.08 19.32 12.99
CA LEU A 206 2.34 19.95 12.59
C LEU A 206 1.97 21.23 11.84
N LEU A 207 2.42 22.36 12.35
CA LEU A 207 2.10 23.66 11.80
C LEU A 207 3.39 24.34 11.39
N ILE A 208 3.49 24.68 10.12
CA ILE A 208 4.65 25.36 9.56
C ILE A 208 4.16 26.71 9.06
N VAL A 209 4.63 27.79 9.68
CA VAL A 209 4.15 29.14 9.40
C VAL A 209 5.23 29.88 8.65
N ALA A 210 4.90 30.36 7.45
CA ALA A 210 5.87 30.99 6.58
C ALA A 210 5.19 32.08 5.72
N VAL A 211 4.73 33.14 6.38
CA VAL A 211 4.09 34.24 5.69
C VAL A 211 4.86 35.55 5.79
N GLY A 212 5.78 35.70 6.74
CA GLY A 212 6.49 36.96 6.90
C GLY A 212 5.64 38.05 7.52
N LYS A 213 4.81 37.72 8.51
CA LYS A 213 3.98 38.69 9.17
C LYS A 213 3.96 38.39 10.67
N PRO A 214 4.55 39.24 11.51
CA PRO A 214 4.64 38.92 12.93
C PRO A 214 3.27 38.81 13.57
N GLY A 215 3.05 37.72 14.30
CA GLY A 215 1.81 37.52 15.01
C GLY A 215 0.65 37.07 14.15
N PHE A 216 0.89 36.70 12.89
CA PHE A 216 -0.20 36.40 11.97
C PHE A 216 -1.14 35.33 12.53
N ILE A 217 -0.58 34.26 13.09
CA ILE A 217 -1.37 33.21 13.70
C ILE A 217 -1.40 33.45 15.21
N PRO A 218 -2.55 33.74 15.80
CA PRO A 218 -2.60 33.87 17.26
C PRO A 218 -2.32 32.54 17.94
N GLY A 219 -1.63 32.62 19.08
CA GLY A 219 -1.15 31.41 19.72
C GLY A 219 -2.24 30.49 20.20
N ASP A 220 -3.39 31.02 20.56
CA ASP A 220 -4.43 30.15 21.12
C ASP A 220 -5.18 29.36 20.05
N TRP A 221 -4.89 29.58 18.75
CA TRP A 221 -5.38 28.70 17.70
C TRP A 221 -4.63 27.37 17.65
N ILE A 222 -3.41 27.34 18.14
CA ILE A 222 -2.54 26.17 18.04
C ILE A 222 -3.18 24.98 18.74
N MLY A 223 -3.21 23.85 18.04
CA MLY A 223 -3.72 22.60 18.61
CB MLY A 223 -3.73 21.50 17.52
CG MLY A 223 -4.30 20.17 17.97
CD MLY A 223 -4.15 19.11 16.88
CE MLY A 223 -4.69 17.75 17.33
NZ MLY A 223 -6.08 17.81 17.90
CH1 MLY A 223 -7.03 18.15 16.82
CH2 MLY A 223 -6.42 16.46 18.35
C MLY A 223 -2.87 22.17 19.80
O MLY A 223 -1.64 22.25 19.79
H MLY A 223 -2.94 23.78 17.22
HA MLY A 223 -4.64 22.74 18.91
HB2 MLY A 223 -2.82 21.35 17.24
HB3 MLY A 223 -4.30 21.86 16.67
HG2 MLY A 223 -5.24 20.27 18.18
HG3 MLY A 223 -3.78 19.83 18.87
HD2 MLY A 223 -3.22 19.00 16.67
HD3 MLY A 223 -4.69 19.43 15.99
HE2 MLY A 223 -4.11 17.39 18.02
HE3 MLY A 223 -4.70 17.07 16.48
HH11 MLY A 223 -8.04 18.19 17.23
HH12 MLY A 223 -6.99 17.37 16.05
HH13 MLY A 223 -6.76 19.11 16.38
HH21 MLY A 223 -7.47 16.44 18.67
HH22 MLY A 223 -5.78 16.19 19.19
HH23 MLY A 223 -6.27 15.76 17.53
N GLU A 224 -3.51 21.70 20.87
CA GLU A 224 -2.80 21.18 22.02
C GLU A 224 -1.87 20.05 21.62
N GLY A 225 -0.58 20.19 21.94
CA GLY A 225 0.41 19.20 21.58
C GLY A 225 0.97 19.32 20.18
N ALA A 226 0.60 20.35 19.43
CA ALA A 226 1.11 20.50 18.08
C ALA A 226 2.62 20.78 18.08
N ILE A 227 3.24 20.46 16.95
CA ILE A 227 4.62 20.85 16.65
C ILE A 227 4.55 22.13 15.82
N VAL A 228 5.17 23.20 16.30
CA VAL A 228 5.09 24.51 15.63
C VAL A 228 6.45 24.86 15.05
N ILE A 229 6.51 25.05 13.73
CA ILE A 229 7.73 25.43 13.03
C ILE A 229 7.52 26.84 12.48
N ASP A 230 8.27 27.80 13.03
CA ASP A 230 8.11 29.21 12.70
C ASP A 230 9.24 29.62 11.75
N VAL A 231 8.89 29.83 10.48
CA VAL A 231 9.87 30.20 9.46
C VAL A 231 10.02 31.70 9.32
N GLY A 232 9.18 32.47 10.00
CA GLY A 232 9.27 33.91 9.89
C GLY A 232 10.56 34.44 10.48
N ILE A 233 11.08 35.49 9.85
CA ILE A 233 12.18 36.27 10.38
C ILE A 233 11.85 37.73 10.13
N ASN A 234 11.19 38.36 11.10
CA ASN A 234 10.62 39.69 10.95
C ASN A 234 11.36 40.66 11.87
N ARG A 235 11.93 41.70 11.29
CA ARG A 235 12.64 42.72 12.07
C ARG A 235 11.62 43.76 12.53
N LEU A 236 11.55 43.99 13.84
CA LEU A 236 10.56 44.87 14.44
C LEU A 236 11.12 46.28 14.65
N GLU A 237 10.21 47.19 14.98
CA GLU A 237 10.58 48.59 15.17
C GLU A 237 11.60 48.74 16.29
N ASN A 238 11.40 48.04 17.40
CA ASN A 238 12.30 48.13 18.56
C ASN A 238 13.67 47.45 18.32
N GLY A 239 13.99 46.99 17.11
CA GLY A 239 15.24 46.33 16.83
C GLY A 239 15.23 44.82 16.95
N LYS A 240 14.17 44.25 17.52
CA LYS A 240 14.11 42.81 17.73
C LYS A 240 13.82 42.09 16.42
N VAL A 241 14.10 40.79 16.41
CA VAL A 241 13.74 39.88 15.33
C VAL A 241 12.74 38.87 15.89
N VAL A 242 11.59 38.73 15.21
CA VAL A 242 10.49 37.91 15.69
C VAL A 242 9.99 37.04 14.54
N GLY A 243 9.24 36.00 14.91
CA GLY A 243 8.66 35.09 13.94
C GLY A 243 7.21 35.41 13.61
N ASP A 244 6.63 34.56 12.77
CA ASP A 244 5.22 34.71 12.40
C ASP A 244 4.25 34.29 13.49
N VAL A 245 4.74 33.68 14.58
CA VAL A 245 3.90 33.17 15.67
C VAL A 245 4.34 33.84 16.97
N VAL A 246 3.38 34.31 17.75
CA VAL A 246 3.66 34.86 19.07
C VAL A 246 4.14 33.71 19.96
N PHE A 247 5.41 33.73 20.33
CA PHE A 247 6.02 32.56 20.96
C PHE A 247 5.37 32.23 22.29
N GLU A 248 5.25 33.21 23.18
CA GLU A 248 4.73 32.94 24.52
C GLU A 248 3.33 32.33 24.47
N ASP A 249 2.48 32.83 23.56
CA ASP A 249 1.12 32.30 23.48
C ASP A 249 1.12 30.89 22.90
N ALA A 250 1.88 30.66 21.82
CA ALA A 250 1.95 29.34 21.22
C ALA A 250 2.60 28.32 22.16
N ALA A 251 3.58 28.75 22.97
CA ALA A 251 4.32 27.82 23.81
C ALA A 251 3.45 27.26 24.94
N LYS A 252 2.33 27.88 25.26
CA LYS A 252 1.42 27.34 26.26
C LYS A 252 0.63 26.15 25.76
N ARG A 253 0.68 25.84 24.46
CA ARG A 253 -0.13 24.79 23.87
C ARG A 253 0.69 23.77 23.09
N ALA A 254 1.74 24.20 22.40
CA ALA A 254 2.54 23.30 21.58
C ALA A 254 3.32 22.31 22.43
N SER A 255 3.56 21.13 21.87
CA SER A 255 4.52 20.21 22.47
C SER A 255 5.96 20.58 22.12
N TYR A 256 6.18 21.09 20.91
CA TYR A 256 7.48 21.53 20.42
C TYR A 256 7.30 22.81 19.63
N ILE A 257 8.26 23.73 19.74
CA ILE A 257 8.18 25.01 19.04
C ILE A 257 9.59 25.50 18.75
N THR A 258 9.78 25.99 17.52
CA THR A 258 11.03 26.64 17.13
C THR A 258 11.02 28.09 17.62
N PRO A 259 12.08 28.55 18.28
CA PRO A 259 12.21 29.98 18.58
C PRO A 259 12.69 30.77 17.37
N VAL A 260 12.56 32.08 17.48
CA VAL A 260 13.08 33.01 16.49
C VAL A 260 13.71 34.17 17.24
N PRO A 261 15.01 34.47 17.03
CA PRO A 261 15.91 33.73 16.13
C PRO A 261 16.37 32.40 16.74
N GLY A 262 17.17 31.65 16.00
CA GLY A 262 17.76 30.43 16.52
C GLY A 262 17.00 29.17 16.20
N GLY A 263 16.12 29.18 15.21
CA GLY A 263 15.35 28.01 14.86
C GLY A 263 15.59 27.55 13.44
N VAL A 264 14.74 27.99 12.52
CA VAL A 264 14.84 27.54 11.14
C VAL A 264 15.99 28.23 10.39
N GLY A 265 16.33 29.46 10.75
CA GLY A 265 17.32 30.21 10.02
C GLY A 265 18.67 29.51 9.92
N PRO A 266 19.21 29.09 11.06
CA PRO A 266 20.49 28.36 11.04
C PRO A 266 20.44 27.08 10.23
N MET A 267 19.27 26.42 10.19
CA MET A 267 19.13 25.17 9.44
C MET A 267 19.11 25.42 7.94
N THR A 268 18.64 26.59 7.51
CA THR A 268 18.69 26.94 6.09
C THR A 268 20.14 26.98 5.60
N VAL A 269 21.01 27.65 6.35
CA VAL A 269 22.44 27.73 6.02
C VAL A 269 23.10 26.37 6.09
N ALA A 270 22.83 25.61 7.15
CA ALA A 270 23.44 24.29 7.29
C ALA A 270 23.03 23.36 6.16
N THR A 271 21.80 23.52 5.66
CA THR A 271 21.34 22.65 4.57
C THR A 271 22.02 23.02 3.26
N LEU A 272 22.28 24.31 3.03
CA LEU A 272 23.10 24.71 1.90
C LEU A 272 24.47 24.03 1.94
N ILE A 273 25.07 23.97 3.13
CA ILE A 273 26.35 23.30 3.32
C ILE A 273 26.20 21.80 3.04
N GLU A 274 25.16 21.19 3.60
CA GLU A 274 24.90 19.79 3.41
C GLU A 274 24.66 19.47 1.94
N ASN A 275 23.92 20.33 1.24
CA ASN A 275 23.68 20.13 -0.18
C ASN A 275 24.97 20.17 -0.98
N THR A 276 25.91 21.03 -0.58
CA THR A 276 27.15 21.15 -1.32
C THR A 276 28.01 19.90 -1.16
N LEU A 277 28.09 19.37 0.06
CA LEU A 277 28.75 18.09 0.27
C LEU A 277 28.08 16.98 -0.52
N GLN A 278 26.74 16.95 -0.50
CA GLN A 278 26.01 15.93 -1.24
C GLN A 278 26.32 15.98 -2.72
N ALA A 279 26.31 17.17 -3.31
CA ALA A 279 26.62 17.29 -4.72
C ALA A 279 28.01 16.75 -5.01
N CYS A 280 28.97 17.03 -4.13
CA CYS A 280 30.33 16.54 -4.32
C CYS A 280 30.41 15.02 -4.20
N VAL A 281 29.84 14.48 -3.13
CA VAL A 281 30.04 13.07 -2.80
C VAL A 281 29.23 12.17 -3.72
N GLU A 282 28.00 12.56 -4.07
CA GLU A 282 27.10 11.69 -4.80
C GLU A 282 27.09 11.93 -6.30
N TYR A 283 27.22 13.19 -6.74
CA TYR A 283 27.03 13.51 -8.16
C TYR A 283 28.32 13.82 -8.91
N HIS A 284 29.38 14.28 -8.23
CA HIS A 284 30.58 14.74 -8.95
C HIS A 284 31.81 13.88 -8.70
N ASP A 285 32.13 13.55 -7.46
CA ASP A 285 33.31 12.78 -7.14
C ASP A 285 32.92 11.62 -6.23
N PRO A 286 32.15 10.67 -6.76
CA PRO A 286 31.77 9.50 -5.95
C PRO A 286 32.90 8.49 -5.86
N GLN A 287 32.77 7.60 -4.88
CA GLN A 287 33.79 6.58 -4.61
C GLN A 287 33.16 5.19 -4.56
N GLY B 2 -31.19 14.99 -3.67
CA GLY B 2 -30.45 15.93 -4.57
C GLY B 2 -30.09 15.32 -5.92
N ALA B 3 -29.79 16.17 -6.90
CA ALA B 3 -29.44 15.73 -8.26
C ALA B 3 -28.33 16.63 -8.79
N ALA B 4 -27.09 16.22 -8.54
CA ALA B 4 -25.94 16.99 -8.98
C ALA B 4 -25.95 17.16 -10.50
N LYS B 5 -25.52 18.33 -10.96
CA LYS B 5 -25.29 18.53 -12.39
C LYS B 5 -24.13 17.67 -12.85
N ILE B 6 -24.20 17.21 -14.10
CA ILE B 6 -23.12 16.42 -14.68
C ILE B 6 -22.01 17.35 -15.16
N ILE B 7 -20.76 16.96 -14.90
CA ILE B 7 -19.60 17.55 -15.54
C ILE B 7 -19.30 16.67 -16.76
N ASP B 8 -19.82 17.09 -17.91
CA ASP B 8 -19.81 16.28 -19.13
C ASP B 8 -18.46 16.45 -19.84
N GLY B 9 -17.47 15.68 -19.35
CA GLY B 9 -16.13 15.78 -19.90
C GLY B 9 -16.03 15.34 -21.35
N LYS B 10 -16.89 14.41 -21.76
CA LYS B 10 -16.90 13.98 -23.15
C LYS B 10 -17.28 15.13 -24.08
N THR B 11 -18.29 15.91 -23.71
CA THR B 11 -18.67 17.06 -24.52
C THR B 11 -17.61 18.16 -24.46
N ILE B 12 -17.05 18.43 -23.27
CA ILE B 12 -16.03 19.48 -23.18
C ILE B 12 -14.81 19.10 -24.01
N ALA B 13 -14.38 17.84 -23.92
CA ALA B 13 -13.24 17.38 -24.72
C ALA B 13 -13.51 17.59 -26.21
N GLN B 14 -14.73 17.37 -26.66
CA GLN B 14 -15.05 17.57 -28.07
C GLN B 14 -14.94 19.04 -28.44
N GLN B 15 -15.40 19.94 -27.57
CA GLN B 15 -15.24 21.36 -27.82
C GLN B 15 -13.77 21.74 -27.88
N VAL B 16 -12.95 21.18 -26.98
CA VAL B 16 -11.52 21.49 -27.00
C VAL B 16 -10.88 21.00 -28.29
N ARG B 17 -11.20 19.77 -28.71
CA ARG B 17 -10.61 19.25 -29.94
C ARG B 17 -11.03 20.08 -31.15
N SER B 18 -12.30 20.49 -31.21
CA SER B 18 -12.76 21.34 -32.30
C SER B 18 -12.01 22.67 -32.33
N GLU B 19 -11.81 23.30 -31.17
CA GLU B 19 -11.02 24.53 -31.13
C GLU B 19 -9.63 24.30 -31.67
N VAL B 20 -8.99 23.20 -31.28
CA VAL B 20 -7.66 22.88 -31.79
C VAL B 20 -7.72 22.66 -33.30
N ALA B 21 -8.69 21.87 -33.77
CA ALA B 21 -8.81 21.62 -35.20
C ALA B 21 -8.96 22.93 -35.97
N GLN B 22 -9.72 23.88 -35.43
CA GLN B 22 -9.87 25.16 -36.10
C GLN B 22 -8.52 25.87 -36.22
N LYS B 23 -7.73 25.86 -35.14
CA LYS B 23 -6.44 26.53 -35.19
C LYS B 23 -5.47 25.81 -36.12
N VAL B 24 -5.55 24.49 -36.22
CA VAL B 24 -4.70 23.75 -37.15
C VAL B 24 -5.07 24.10 -38.59
N GLN B 25 -6.38 24.09 -38.90
CA GLN B 25 -6.80 24.45 -40.25
C GLN B 25 -6.35 25.86 -40.60
N ALA B 26 -6.33 26.76 -39.62
CA ALA B 26 -5.85 28.12 -39.87
C ALA B 26 -4.36 28.13 -40.18
N ARG B 27 -3.58 27.30 -39.50
CA ARG B 27 -2.14 27.22 -39.80
C ARG B 27 -1.90 26.74 -41.22
N ILE B 28 -2.60 25.68 -41.63
CA ILE B 28 -2.45 25.15 -42.99
C ILE B 28 -2.78 26.22 -44.02
N ALA B 29 -3.91 26.92 -43.83
CA ALA B 29 -4.30 27.96 -44.76
C ALA B 29 -3.24 29.06 -44.86
N ALA B 30 -2.50 29.28 -43.77
CA ALA B 30 -1.42 30.26 -43.76
C ALA B 30 -0.09 29.71 -44.28
N GLY B 31 -0.07 28.48 -44.78
CA GLY B 31 1.15 27.87 -45.28
C GLY B 31 2.03 27.23 -44.24
N LEU B 32 1.54 27.03 -43.02
CA LEU B 32 2.34 26.44 -41.95
C LEU B 32 2.04 24.95 -41.82
N ARG B 33 3.01 24.20 -41.29
CA ARG B 33 2.84 22.76 -41.14
C ARG B 33 1.89 22.43 -39.99
N ALA B 34 1.31 21.25 -40.07
CA ALA B 34 0.49 20.71 -38.99
C ALA B 34 1.38 20.29 -37.81
N PRO B 35 0.87 20.38 -36.59
CA PRO B 35 1.64 19.85 -35.46
C PRO B 35 1.96 18.37 -35.65
N GLY B 36 3.10 17.96 -35.11
CA GLY B 36 3.59 16.60 -35.27
C GLY B 36 3.86 15.92 -33.95
N LEU B 37 3.36 14.69 -33.81
CA LEU B 37 3.53 13.89 -32.62
C LEU B 37 4.33 12.63 -32.97
N ALA B 38 5.28 12.27 -32.11
CA ALA B 38 6.05 11.04 -32.25
C ALA B 38 5.81 10.14 -31.05
N VAL B 39 5.42 8.90 -31.31
CA VAL B 39 5.21 7.90 -30.28
C VAL B 39 6.29 6.83 -30.43
N VAL B 40 6.91 6.46 -29.32
CA VAL B 40 7.99 5.48 -29.31
C VAL B 40 7.50 4.26 -28.55
N LEU B 41 7.48 3.12 -29.25
CA LEU B 41 7.07 1.84 -28.69
C LEU B 41 8.26 0.89 -28.79
N VAL B 42 8.64 0.29 -27.67
CA VAL B 42 9.77 -0.63 -27.61
C VAL B 42 9.25 -2.01 -27.26
N GLY B 43 9.59 -3.00 -28.07
CA GLY B 43 9.02 -4.31 -27.92
C GLY B 43 7.53 -4.27 -28.19
N SER B 44 6.80 -5.16 -27.51
CA SER B 44 5.35 -5.19 -27.62
C SER B 44 4.78 -5.59 -26.26
N ASN B 45 3.50 -5.27 -26.08
CA ASN B 45 2.80 -5.60 -24.84
C ASN B 45 1.34 -5.93 -25.11
N ILE B 50 -4.46 -0.32 -26.99
CA ILE B 50 -5.69 0.39 -27.32
C ILE B 50 -5.52 1.89 -27.18
N TYR B 51 -5.12 2.31 -25.98
CA TYR B 51 -5.07 3.75 -25.70
C TYR B 51 -4.23 4.50 -26.72
N VAL B 52 -3.10 3.92 -27.13
CA VAL B 52 -2.28 4.56 -28.17
C VAL B 52 -3.07 4.64 -29.47
N ALA B 53 -3.70 3.53 -29.87
CA ALA B 53 -4.56 3.56 -31.04
C ALA B 53 -5.65 4.62 -30.88
N SER B 54 -6.42 4.53 -29.79
CA SER B 54 -7.51 5.48 -29.59
C SER B 54 -7.03 6.92 -29.59
N LYS B 55 -5.80 7.16 -29.11
CA LYS B 55 -5.25 8.51 -29.13
C LYS B 55 -4.99 8.98 -30.55
N ARG B 56 -4.43 8.10 -31.40
CA ARG B 56 -4.12 8.49 -32.77
C ARG B 56 -5.37 8.90 -33.54
N LYS B 57 -6.50 8.27 -33.25
CA LYS B 57 -7.76 8.71 -33.85
C LYS B 57 -8.06 10.16 -33.50
N ALA B 58 -7.89 10.54 -32.23
CA ALA B 58 -8.15 11.91 -31.83
C ALA B 58 -7.18 12.87 -32.52
N CYS B 59 -5.92 12.45 -32.69
CA CYS B 59 -4.95 13.29 -33.41
C CYS B 59 -5.32 13.44 -34.88
N GLU B 60 -5.80 12.36 -35.50
CA GLU B 60 -6.32 12.44 -36.86
C GLU B 60 -7.45 13.46 -36.96
N GLU B 61 -8.36 13.43 -35.98
CA GLU B 61 -9.52 14.33 -36.01
C GLU B 61 -9.10 15.79 -36.07
N VAL B 62 -8.09 16.18 -35.27
CA VAL B 62 -7.72 17.59 -35.17
C VAL B 62 -6.75 18.01 -36.25
N GLY B 63 -6.29 17.08 -37.09
CA GLY B 63 -5.38 17.42 -38.16
C GLY B 63 -3.92 17.27 -37.83
N PHE B 64 -3.58 16.65 -36.69
CA PHE B 64 -2.19 16.38 -36.39
C PHE B 64 -1.65 15.31 -37.32
N VAL B 65 -0.33 15.34 -37.53
CA VAL B 65 0.41 14.21 -38.05
C VAL B 65 1.08 13.49 -36.89
N SER B 66 0.94 12.17 -36.84
CA SER B 66 1.59 11.37 -35.82
C SER B 66 2.46 10.31 -36.48
N ARG B 67 3.60 10.01 -35.86
CA ARG B 67 4.46 8.93 -36.32
C ARG B 67 4.78 8.04 -35.13
N SER B 68 4.78 6.73 -35.38
CA SER B 68 4.99 5.73 -34.33
C SER B 68 6.21 4.90 -34.65
N TYR B 69 7.20 4.92 -33.76
CA TYR B 69 8.38 4.08 -33.89
C TYR B 69 8.15 2.76 -33.17
N ASP B 70 8.32 1.66 -33.89
CA ASP B 70 8.24 0.31 -33.32
C ASP B 70 9.66 -0.24 -33.26
N LEU B 71 10.26 -0.22 -32.07
CA LEU B 71 11.60 -0.78 -31.92
C LEU B 71 11.51 -2.20 -31.36
N PRO B 72 12.44 -3.08 -31.73
CA PRO B 72 12.41 -4.44 -31.20
C PRO B 72 12.78 -4.48 -29.72
N GLU B 73 12.39 -5.58 -29.08
CA GLU B 73 12.68 -5.75 -27.65
C GLU B 73 14.18 -5.70 -27.38
N THR B 74 15.00 -6.11 -28.34
CA THR B 74 16.44 -6.13 -28.15
C THR B 74 17.07 -4.74 -28.08
N THR B 75 16.28 -3.68 -28.27
CA THR B 75 16.83 -2.33 -28.32
C THR B 75 17.54 -2.00 -27.00
N SER B 76 18.74 -1.43 -27.13
CA SER B 76 19.53 -1.05 -25.97
C SER B 76 19.12 0.34 -25.48
N GLU B 77 19.51 0.63 -24.24
CA GLU B 77 19.27 1.95 -23.69
C GLU B 77 19.98 3.03 -24.48
N ALA B 78 21.17 2.72 -25.01
CA ALA B 78 21.91 3.70 -25.80
C ALA B 78 21.21 4.01 -27.11
N GLU B 79 20.71 2.97 -27.80
CA GLU B 79 19.98 3.18 -29.05
C GLU B 79 18.73 4.02 -28.80
N LEU B 80 17.99 3.71 -27.73
CA LEU B 80 16.78 4.46 -27.42
C LEU B 80 17.10 5.91 -27.11
N LEU B 81 18.17 6.16 -26.36
CA LEU B 81 18.56 7.53 -26.05
C LEU B 81 18.99 8.28 -27.31
N GLU B 82 19.64 7.59 -28.24
CA GLU B 82 19.99 8.21 -29.51
C GLU B 82 18.73 8.59 -30.29
N LEU B 83 17.70 7.74 -30.24
CA LEU B 83 16.46 8.06 -30.95
C LEU B 83 15.81 9.33 -30.38
N ILE B 84 15.74 9.44 -29.05
CA ILE B 84 15.16 10.65 -28.46
C ILE B 84 15.96 11.88 -28.87
N ASP B 85 17.28 11.76 -28.93
CA ASP B 85 18.11 12.86 -29.42
C ASP B 85 17.68 13.27 -30.82
N THR B 86 17.48 12.30 -31.71
CA THR B 86 17.04 12.60 -33.07
C THR B 86 15.69 13.30 -33.07
N LEU B 87 14.73 12.81 -32.27
CA LEU B 87 13.41 13.43 -32.26
C LEU B 87 13.47 14.81 -31.63
N ASN B 88 14.29 14.98 -30.58
CA ASN B 88 14.50 16.31 -30.00
C ASN B 88 14.97 17.31 -31.04
N ALA B 89 15.82 16.88 -31.96
CA ALA B 89 16.39 17.75 -32.98
C ALA B 89 15.53 17.87 -34.23
N ASP B 90 14.44 17.13 -34.34
CA ASP B 90 13.59 17.15 -35.52
C ASP B 90 12.55 18.27 -35.39
N ASN B 91 12.70 19.31 -36.21
CA ASN B 91 11.84 20.49 -36.13
C ASN B 91 10.42 20.21 -36.56
N THR B 92 10.14 19.07 -37.19
CA THR B 92 8.76 18.73 -37.53
C THR B 92 8.05 18.00 -36.39
N ILE B 93 8.74 17.71 -35.29
CA ILE B 93 8.18 17.01 -34.15
C ILE B 93 7.95 18.01 -33.04
N ASP B 94 6.70 18.10 -32.57
CA ASP B 94 6.37 18.98 -31.47
C ASP B 94 6.22 18.26 -30.15
N GLY B 95 5.79 17.01 -30.20
CA GLY B 95 5.61 16.22 -29.00
C GLY B 95 6.20 14.84 -29.15
N ILE B 96 6.82 14.36 -28.06
CA ILE B 96 7.36 13.02 -27.99
C ILE B 96 6.67 12.29 -26.85
N LEU B 97 6.17 11.09 -27.15
CA LEU B 97 5.58 10.21 -26.15
C LEU B 97 6.35 8.90 -26.16
N VAL B 98 6.73 8.43 -24.98
CA VAL B 98 7.40 7.14 -24.82
C VAL B 98 6.48 6.25 -24.00
N GLN B 99 6.02 5.17 -24.62
CA GLN B 99 5.08 4.27 -23.97
C GLN B 99 5.81 3.32 -23.04
N LEU B 100 5.34 3.23 -21.82
CA LEU B 100 5.82 2.25 -20.86
C LEU B 100 4.89 1.03 -20.86
N PRO B 101 5.40 -0.15 -20.46
CA PRO B 101 6.74 -0.39 -19.96
C PRO B 101 7.80 -0.50 -21.06
N LEU B 102 9.04 -0.27 -20.67
CA LEU B 102 10.20 -0.50 -21.53
C LEU B 102 10.88 -1.80 -21.16
N PRO B 103 11.65 -2.39 -22.07
CA PRO B 103 12.34 -3.64 -21.76
C PRO B 103 13.15 -3.53 -20.46
N ALA B 104 13.33 -4.67 -19.79
CA ALA B 104 14.13 -4.69 -18.58
C ALA B 104 15.58 -4.36 -18.90
N GLY B 105 16.27 -3.80 -17.91
CA GLY B 105 17.62 -3.29 -18.10
C GLY B 105 17.70 -1.88 -18.64
N ILE B 106 16.59 -1.29 -19.05
CA ILE B 106 16.57 0.08 -19.54
C ILE B 106 16.06 0.99 -18.43
N ASP B 107 16.82 2.05 -18.15
CA ASP B 107 16.46 3.02 -17.11
C ASP B 107 15.33 3.90 -17.65
N ASN B 108 14.10 3.63 -17.21
CA ASN B 108 12.94 4.42 -17.62
C ASN B 108 13.15 5.91 -17.38
N VAL B 109 13.68 6.26 -16.19
CA VAL B 109 13.83 7.67 -15.83
C VAL B 109 14.78 8.37 -16.78
N LYS B 110 15.94 7.75 -17.03
CA LYS B 110 16.92 8.40 -17.91
C LYS B 110 16.34 8.61 -19.31
N VAL B 111 15.53 7.66 -19.79
CA VAL B 111 14.97 7.78 -21.13
C VAL B 111 13.94 8.91 -21.18
N LEU B 112 13.01 8.93 -20.22
CA LEU B 112 11.96 9.93 -20.22
C LEU B 112 12.52 11.32 -19.98
N GLU B 113 13.55 11.44 -19.14
CA GLU B 113 14.13 12.75 -18.88
C GLU B 113 14.96 13.26 -20.05
N ARG B 114 15.38 12.38 -20.95
CA ARG B 114 16.09 12.81 -22.16
C ARG B 114 15.18 13.58 -23.12
N ILE B 115 13.86 13.39 -23.04
CA ILE B 115 12.95 14.19 -23.86
C ILE B 115 13.14 15.66 -23.50
N HIS B 116 13.26 16.51 -24.51
CA HIS B 116 13.37 17.93 -24.22
C HIS B 116 12.04 18.41 -23.64
N PRO B 117 12.05 19.23 -22.58
CA PRO B 117 10.76 19.58 -21.94
C PRO B 117 9.80 20.28 -22.87
N ASP B 118 10.29 20.91 -23.93
CA ASP B 118 9.43 21.56 -24.93
C ASP B 118 8.69 20.56 -25.81
N LYS B 119 9.03 19.28 -25.74
CA LYS B 119 8.31 18.25 -26.48
C LYS B 119 7.65 17.25 -25.56
N ASP B 120 7.68 17.50 -24.24
CA ASP B 120 7.08 16.61 -23.26
C ASP B 120 5.62 16.98 -23.10
N VAL B 121 4.83 16.57 -24.09
CA VAL B 121 3.40 16.92 -24.10
C VAL B 121 2.62 16.16 -23.03
N ASP B 122 3.21 15.10 -22.46
CA ASP B 122 2.60 14.45 -21.30
C ASP B 122 2.72 15.31 -20.05
N GLY B 123 3.69 16.22 -20.01
CA GLY B 123 3.86 17.12 -18.89
C GLY B 123 4.47 16.51 -17.64
N PHE B 124 5.22 15.42 -17.75
CA PHE B 124 5.77 14.70 -16.62
CA PHE B 124 5.77 14.78 -16.56
C PHE B 124 7.29 14.77 -16.55
N HIS B 125 7.92 15.58 -17.36
CA HIS B 125 9.34 15.83 -17.19
C HIS B 125 9.52 16.66 -15.93
N PRO B 126 10.46 16.30 -15.05
CA PRO B 126 10.66 17.11 -13.83
C PRO B 126 10.81 18.60 -14.06
N TYR B 127 11.40 19.03 -15.19
CA TYR B 127 11.49 20.47 -15.46
C TYR B 127 10.11 21.09 -15.59
N ASN B 128 9.20 20.44 -16.32
CA ASN B 128 7.85 20.97 -16.47
C ASN B 128 7.07 20.93 -15.16
N VAL B 129 7.20 19.84 -14.41
CA VAL B 129 6.55 19.76 -13.11
C VAL B 129 7.07 20.88 -12.21
N GLY B 130 8.39 21.06 -12.17
CA GLY B 130 8.98 22.10 -11.33
C GLY B 130 8.55 23.50 -11.73
N ARG B 131 8.39 23.74 -13.04
CA ARG B 131 7.92 25.03 -13.51
C ARG B 131 6.49 25.31 -13.05
N LEU B 132 5.61 24.31 -13.13
CA LEU B 132 4.26 24.47 -12.62
C LEU B 132 4.28 24.78 -11.13
N CYS B 133 5.09 24.05 -10.36
CA CYS B 133 5.20 24.31 -8.92
CA CYS B 133 5.15 24.33 -8.93
CA CYS B 133 5.21 24.31 -8.92
C CYS B 133 5.61 25.75 -8.64
N GLN B 134 6.54 26.28 -9.44
CA GLN B 134 7.06 27.63 -9.25
C GLN B 134 6.22 28.70 -9.92
N ARG B 135 4.98 28.38 -10.30
CA ARG B 135 4.01 29.35 -10.79
C ARG B 135 4.34 29.87 -12.18
N ALA B 136 5.21 29.20 -12.91
CA ALA B 136 5.56 29.60 -14.28
C ALA B 136 5.44 28.39 -15.19
N PRO B 137 4.23 27.86 -15.34
CA PRO B 137 4.05 26.61 -16.09
C PRO B 137 4.40 26.76 -17.55
N ARG B 138 4.90 25.67 -18.10
CA ARG B 138 5.06 25.53 -19.55
C ARG B 138 4.08 24.48 -20.04
N LEU B 139 4.58 23.31 -20.42
CA LEU B 139 3.70 22.18 -20.71
C LEU B 139 3.30 21.51 -19.39
N ARG B 140 2.00 21.30 -19.21
CA ARG B 140 1.49 20.89 -17.91
C ARG B 140 1.06 19.42 -17.91
N PRO B 141 1.16 18.74 -16.76
CA PRO B 141 0.63 17.38 -16.66
C PRO B 141 -0.78 17.29 -17.20
N CYS B 142 -1.02 16.30 -18.08
CA CYS B 142 -2.24 16.30 -18.88
CA CYS B 142 -2.24 16.33 -18.89
C CYS B 142 -3.49 16.16 -18.04
N THR B 143 -3.50 15.18 -17.14
CA THR B 143 -4.74 14.92 -16.40
C THR B 143 -5.09 16.06 -15.46
N PRO B 144 -4.19 16.53 -14.59
CA PRO B 144 -4.56 17.70 -13.76
C PRO B 144 -4.93 18.93 -14.57
N ARG B 145 -4.29 19.21 -15.70
CA ARG B 145 -4.67 20.38 -16.49
C ARG B 145 -6.06 20.21 -17.08
N GLY B 146 -6.39 19.02 -17.59
CA GLY B 146 -7.72 18.78 -18.09
C GLY B 146 -8.81 19.01 -17.05
N ILE B 147 -8.51 18.69 -15.78
CA ILE B 147 -9.47 18.89 -14.70
C ILE B 147 -9.70 20.38 -14.44
N VAL B 148 -8.63 21.17 -14.44
CA VAL B 148 -8.76 22.62 -14.30
C VAL B 148 -9.56 23.19 -15.46
N THR B 149 -9.33 22.68 -16.67
CA THR B 149 -10.12 23.10 -17.83
C THR B 149 -11.61 22.84 -17.61
N LEU B 150 -11.96 21.68 -17.05
CA LEU B 150 -13.37 21.38 -16.75
C LEU B 150 -13.98 22.43 -15.83
N LEU B 151 -13.27 22.77 -14.75
CA LEU B 151 -13.77 23.75 -13.81
C LEU B 151 -13.96 25.10 -14.49
N GLU B 152 -13.03 25.48 -15.38
CA GLU B 152 -13.16 26.73 -16.10
C GLU B 152 -14.36 26.72 -17.03
N ARG B 153 -14.52 25.63 -17.80
CA ARG B 153 -15.60 25.57 -18.78
C ARG B 153 -16.98 25.55 -18.12
N TYR B 154 -17.07 25.08 -16.89
CA TYR B 154 -18.31 25.14 -16.12
C TYR B 154 -18.39 26.37 -15.24
N ASN B 155 -17.44 27.30 -15.37
CA ASN B 155 -17.44 28.56 -14.63
C ASN B 155 -17.51 28.30 -13.12
N ILE B 156 -16.64 27.43 -12.64
CA ILE B 156 -16.46 27.19 -11.22
C ILE B 156 -15.32 28.09 -10.74
N ASP B 157 -15.65 29.06 -9.88
CA ASP B 157 -14.63 29.89 -9.25
C ASP B 157 -13.84 29.06 -8.27
N THR B 158 -12.53 28.93 -8.52
CA THR B 158 -11.69 28.08 -7.69
C THR B 158 -11.09 28.81 -6.49
N PHE B 159 -11.09 30.15 -6.48
CA PHE B 159 -10.31 30.86 -5.47
C PHE B 159 -10.98 30.72 -4.10
N GLY B 160 -10.24 30.18 -3.14
CA GLY B 160 -10.74 29.97 -1.80
C GLY B 160 -11.48 28.67 -1.58
N LEU B 161 -11.67 27.85 -2.61
CA LEU B 161 -12.26 26.54 -2.42
C LEU B 161 -11.34 25.66 -1.59
N ASN B 162 -11.93 24.95 -0.64
CA ASN B 162 -11.17 23.96 0.12
C ASN B 162 -11.14 22.69 -0.71
N ALA B 163 -10.01 22.44 -1.36
CA ALA B 163 -9.87 21.29 -2.24
C ALA B 163 -9.12 20.17 -1.54
N VAL B 164 -9.59 18.93 -1.74
CA VAL B 164 -8.96 17.75 -1.19
C VAL B 164 -8.69 16.77 -2.32
N VAL B 165 -7.44 16.34 -2.43
CA VAL B 165 -6.98 15.38 -3.41
C VAL B 165 -6.77 14.05 -2.69
N ILE B 166 -7.46 13.01 -3.14
CA ILE B 166 -7.33 11.67 -2.56
C ILE B 166 -6.39 10.86 -3.43
N GLY B 167 -5.23 10.50 -2.88
CA GLY B 167 -4.16 9.90 -3.64
C GLY B 167 -3.07 10.93 -3.93
N ALA B 168 -1.82 10.52 -3.81
CA ALA B 168 -0.67 11.40 -3.98
C ALA B 168 0.26 10.90 -5.09
N SER B 169 -0.31 10.40 -6.17
CA SER B 169 0.50 9.80 -7.21
C SER B 169 1.21 10.87 -8.03
N ASN B 170 2.33 10.48 -8.64
CA ASN B 170 3.05 11.41 -9.49
C ASN B 170 2.22 11.78 -10.71
N ILE B 171 1.36 10.86 -11.17
CA ILE B 171 0.66 11.10 -12.42
C ILE B 171 -0.54 12.04 -12.21
N VAL B 172 -1.12 12.07 -11.00
CA VAL B 172 -2.30 12.89 -10.73
C VAL B 172 -2.18 13.67 -9.41
N GLY B 173 -2.18 12.97 -8.29
CA GLY B 173 -2.34 13.63 -7.00
C GLY B 173 -1.37 14.78 -6.76
N ARG B 174 -0.08 14.53 -7.00
CA ARG B 174 0.93 15.54 -6.66
C ARG B 174 0.89 16.75 -7.59
N PRO B 175 0.96 16.61 -8.92
CA PRO B 175 0.78 17.80 -9.77
C PRO B 175 -0.60 18.41 -9.65
N MET B 176 -1.62 17.62 -9.30
CA MET B 176 -2.95 18.17 -9.10
C MET B 176 -2.95 19.23 -8.01
N SER B 177 -2.23 18.99 -6.91
CA SER B 177 -2.19 19.98 -5.83
C SER B 177 -1.48 21.26 -6.27
N MET B 178 -0.53 21.18 -7.19
CA MET B 178 0.14 22.40 -7.65
C MET B 178 -0.70 23.15 -8.67
N GLU B 179 -1.48 22.44 -9.50
CA GLU B 179 -2.48 23.14 -10.33
C GLU B 179 -3.52 23.83 -9.47
N LEU B 180 -4.00 23.16 -8.42
CA LEU B 180 -5.07 23.72 -7.62
C LEU B 180 -4.60 24.92 -6.83
N LEU B 181 -3.36 24.89 -6.35
CA LEU B 181 -2.76 26.06 -5.72
C LEU B 181 -2.63 27.21 -6.70
N LEU B 182 -2.25 26.90 -7.95
CA LEU B 182 -2.16 27.94 -8.96
C LEU B 182 -3.53 28.56 -9.20
N ALA B 183 -4.60 27.76 -9.08
CA ALA B 183 -5.96 28.24 -9.23
C ALA B 183 -6.54 28.83 -7.95
N GLY B 184 -5.75 29.03 -6.90
CA GLY B 184 -6.21 29.70 -5.70
C GLY B 184 -6.94 28.84 -4.69
N CYS B 185 -6.95 27.52 -4.86
CA CYS B 185 -7.59 26.64 -3.87
C CYS B 185 -6.69 26.41 -2.67
N THR B 186 -7.31 26.31 -1.50
CA THR B 186 -6.67 25.62 -0.39
C THR B 186 -6.60 24.14 -0.74
N THR B 187 -5.43 23.52 -0.62
CA THR B 187 -5.24 22.15 -1.08
C THR B 187 -4.77 21.24 0.04
N THR B 188 -5.42 20.08 0.16
CA THR B 188 -5.03 19.00 1.03
C THR B 188 -4.76 17.78 0.17
N VAL B 189 -3.64 17.11 0.38
CA VAL B 189 -3.33 15.86 -0.32
C VAL B 189 -3.31 14.73 0.71
N THR B 190 -4.13 13.72 0.48
CA THR B 190 -4.24 12.55 1.33
C THR B 190 -3.66 11.33 0.63
N HIS B 191 -3.36 10.32 1.42
CA HIS B 191 -2.70 9.12 0.93
C HIS B 191 -2.88 8.00 1.95
N ARG B 192 -2.09 6.93 1.82
CA ARG B 192 -2.33 5.75 2.64
C ARG B 192 -2.09 6.01 4.13
N PHE B 193 -1.25 7.01 4.47
CA PHE B 193 -0.97 7.30 5.87
C PHE B 193 -1.96 8.26 6.50
N THR B 194 -2.89 8.80 5.73
CA THR B 194 -3.88 9.71 6.29
C THR B 194 -4.75 8.99 7.31
N MLY B 195 -4.88 9.58 8.48
CA MLY B 195 -5.79 9.04 9.47
CB MLY B 195 -5.10 8.94 10.83
CG MLY B 195 -4.70 10.25 11.42
CD MLY B 195 -3.72 10.01 12.56
CE MLY B 195 -3.66 11.19 13.50
NZ MLY B 195 -2.25 11.56 13.79
CH1 MLY B 195 -2.17 12.94 13.33
CH2 MLY B 195 -2.07 11.65 15.24
C MLY B 195 -7.07 9.89 9.55
O MLY B 195 -7.12 11.00 9.02
HA MLY B 195 -6.05 8.13 9.21
HB2 MLY B 195 -4.29 8.42 10.72
HB3 MLY B 195 -5.76 8.44 11.53
HG2 MLY B 195 -5.47 10.70 11.78
HG3 MLY B 195 -4.22 10.87 10.66
HD2 MLY B 195 -2.83 9.86 12.20
HD3 MLY B 195 -4.03 9.11 13.12
HE2 MLY B 195 -4.09 10.96 14.34
HE3 MLY B 195 -4.19 12.04 13.06
HH11 MLY B 195 -1.16 13.32 13.51
HH12 MLY B 195 -2.89 13.55 13.89
HH13 MLY B 195 -2.39 12.99 12.28
HH21 MLY B 195 -1.07 12.02 15.47
HH22 MLY B 195 -2.19 10.65 15.68
HH23 MLY B 195 -2.82 12.31 15.66
N ASN B 196 -8.22 9.22 9.44
CA ASN B 196 -9.51 9.86 9.31
C ASN B 196 -9.64 10.57 7.96
N LEU B 197 -9.50 9.79 6.89
CA LEU B 197 -9.74 10.29 5.55
C LEU B 197 -11.10 10.95 5.44
N ARG B 198 -12.12 10.36 6.06
CA ARG B 198 -13.46 10.90 5.97
C ARG B 198 -13.55 12.34 6.46
N HIS B 199 -12.84 12.66 7.54
CA HIS B 199 -12.92 14.03 8.06
C HIS B 199 -12.46 15.04 7.02
N HIS B 200 -11.39 14.72 6.30
CA HIS B 200 -10.91 15.62 5.24
C HIS B 200 -11.93 15.73 4.12
N VAL B 201 -12.49 14.59 3.68
CA VAL B 201 -13.40 14.59 2.53
C VAL B 201 -14.66 15.39 2.84
N GLU B 202 -15.15 15.28 4.08
CA GLU B 202 -16.40 15.90 4.48
C GLU B 202 -16.36 17.42 4.48
N ASN B 203 -15.18 18.01 4.52
CA ASN B 203 -15.04 19.46 4.47
C ASN B 203 -14.58 19.97 3.09
N ALA B 204 -14.54 19.10 2.08
CA ALA B 204 -14.04 19.47 0.77
C ALA B 204 -15.14 20.14 -0.05
N ASP B 205 -14.88 21.40 -0.48
CA ASP B 205 -15.69 22.03 -1.52
C ASP B 205 -15.43 21.39 -2.88
N LEU B 206 -14.22 20.89 -3.08
CA LEU B 206 -13.76 20.33 -4.35
C LEU B 206 -12.99 19.06 -4.00
N LEU B 207 -13.47 17.94 -4.51
CA LEU B 207 -12.90 16.63 -4.22
C LEU B 207 -12.37 16.05 -5.51
N ILE B 208 -11.06 15.75 -5.54
CA ILE B 208 -10.41 15.08 -6.66
C ILE B 208 -10.02 13.69 -6.15
N VAL B 209 -10.65 12.65 -6.71
CA VAL B 209 -10.44 11.28 -6.25
C VAL B 209 -9.59 10.57 -7.29
N ALA B 210 -8.43 10.08 -6.87
CA ALA B 210 -7.50 9.39 -7.77
C ALA B 210 -6.77 8.26 -7.04
N VAL B 211 -7.51 7.26 -6.58
CA VAL B 211 -6.92 6.12 -5.88
C VAL B 211 -6.97 4.84 -6.69
N GLY B 212 -7.75 4.79 -7.76
CA GLY B 212 -7.85 3.58 -8.56
C GLY B 212 -8.47 2.41 -7.83
N MLY B 213 -9.60 2.64 -7.19
CA MLY B 213 -10.33 1.59 -6.51
CB MLY B 213 -10.01 1.57 -5.01
CG MLY B 213 -8.61 1.07 -4.66
CD MLY B 213 -8.36 1.25 -3.17
CE MLY B 213 -6.98 0.68 -2.75
NZ MLY B 213 -6.57 0.95 -1.32
CH1 MLY B 213 -6.37 2.40 -1.11
CH2 MLY B 213 -7.59 0.47 -0.38
C MLY B 213 -11.82 1.81 -6.72
O MLY B 213 -12.32 2.78 -6.17
HA MLY B 213 -10.09 0.72 -6.90
HB2 MLY B 213 -10.63 0.98 -4.57
HB3 MLY B 213 -10.14 2.57 -4.61
HG2 MLY B 213 -7.96 1.60 -5.14
HG3 MLY B 213 -8.51 0.03 -4.93
HD2 MLY B 213 -9.03 0.76 -2.68
HD3 MLY B 213 -8.40 2.30 -2.91
HE2 MLY B 213 -6.31 1.08 -3.32
HE3 MLY B 213 -6.98 -0.39 -2.91
HH11 MLY B 213 -6.08 2.58 -0.08
HH12 MLY B 213 -7.31 2.93 -1.32
HH13 MLY B 213 -5.60 2.76 -1.78
HH21 MLY B 213 -7.33 0.76 0.63
HH22 MLY B 213 -7.64 -0.62 -0.43
HH23 MLY B 213 -8.56 0.88 -0.64
N PRO B 214 -12.51 0.84 -7.35
CA PRO B 214 -13.92 1.09 -7.69
C PRO B 214 -14.81 1.32 -6.47
N GLY B 215 -15.58 2.41 -6.52
CA GLY B 215 -16.52 2.71 -5.46
C GLY B 215 -15.88 2.93 -4.12
N PHE B 216 -14.65 3.45 -4.09
CA PHE B 216 -13.94 3.61 -2.83
C PHE B 216 -14.54 4.70 -1.96
N ILE B 217 -14.93 5.83 -2.55
CA ILE B 217 -15.48 6.95 -1.81
C ILE B 217 -17.01 6.80 -1.79
N PRO B 218 -17.63 6.61 -0.63
CA PRO B 218 -19.09 6.56 -0.58
C PRO B 218 -19.69 7.96 -0.65
N GLY B 219 -20.91 8.03 -1.18
CA GLY B 219 -21.58 9.31 -1.29
C GLY B 219 -21.80 9.95 0.06
N ASP B 220 -21.94 9.12 1.11
CA ASP B 220 -22.15 9.62 2.47
C ASP B 220 -21.11 10.66 2.87
N TRP B 221 -19.87 10.49 2.42
CA TRP B 221 -18.76 11.34 2.85
C TRP B 221 -18.76 12.72 2.21
N ILE B 222 -19.49 12.89 1.12
CA ILE B 222 -19.33 14.10 0.32
C ILE B 222 -20.07 15.28 0.93
N MLY B 223 -19.38 16.41 1.04
CA MLY B 223 -19.99 17.64 1.51
CB MLY B 223 -18.94 18.77 1.57
CG MLY B 223 -19.46 20.08 2.10
CD MLY B 223 -18.36 21.13 2.12
CE MLY B 223 -18.84 22.44 2.73
NZ MLY B 223 -17.82 23.53 2.57
CH1 MLY B 223 -18.50 24.81 2.83
CH2 MLY B 223 -16.80 23.34 3.62
C MLY B 223 -21.15 18.04 0.61
O MLY B 223 -21.06 17.91 -0.61
H MLY B 223 -18.55 16.48 0.84
HA MLY B 223 -20.34 17.50 2.42
HB2 MLY B 223 -18.62 18.92 0.67
HB3 MLY B 223 -18.12 18.44 2.20
HG2 MLY B 223 -19.78 19.96 3.00
HG3 MLY B 223 -20.28 20.43 1.46
HD2 MLY B 223 -18.08 21.32 1.20
HD3 MLY B 223 -17.51 20.75 2.69
HE2 MLY B 223 -18.98 22.30 3.68
HE3 MLY B 223 -19.77 22.74 2.26
HH11 MLY B 223 -17.79 25.63 2.73
HH12 MLY B 223 -18.91 24.81 3.85
HH13 MLY B 223 -19.31 24.94 2.12
HH21 MLY B 223 -16.11 24.19 3.60
HH22 MLY B 223 -16.25 22.42 3.43
HH23 MLY B 223 -17.29 23.29 4.59
N GLU B 224 -22.25 18.51 1.20
CA GLU B 224 -23.38 19.01 0.44
C GLU B 224 -22.96 20.23 -0.36
N GLY B 225 -23.19 20.17 -1.68
CA GLY B 225 -22.74 21.21 -2.58
C GLY B 225 -21.36 20.98 -3.16
N ALA B 226 -20.69 19.90 -2.79
CA ALA B 226 -19.32 19.68 -3.25
C ALA B 226 -19.26 19.46 -4.76
N ILE B 227 -18.10 19.80 -5.33
CA ILE B 227 -17.74 19.46 -6.70
C ILE B 227 -16.88 18.21 -6.65
N VAL B 228 -17.30 17.16 -7.36
CA VAL B 228 -16.67 15.85 -7.26
C VAL B 228 -16.05 15.50 -8.61
N ILE B 229 -14.75 15.29 -8.61
CA ILE B 229 -13.98 14.93 -9.80
C ILE B 229 -13.45 13.53 -9.58
N ASP B 230 -13.83 12.61 -10.46
CA ASP B 230 -13.52 11.19 -10.30
C ASP B 230 -12.52 10.82 -11.39
N VAL B 231 -11.26 10.64 -10.99
CA VAL B 231 -10.19 10.31 -11.94
C VAL B 231 -10.04 8.81 -12.12
N GLY B 232 -10.78 8.01 -11.36
CA GLY B 232 -10.64 6.57 -11.45
C GLY B 232 -11.13 6.05 -12.79
N ILE B 233 -10.40 5.07 -13.31
CA ILE B 233 -10.82 4.32 -14.48
C ILE B 233 -10.54 2.86 -14.17
N ASN B 234 -11.50 2.18 -13.55
CA ASN B 234 -11.29 0.83 -13.01
C ASN B 234 -12.00 -0.17 -13.93
N ARG B 235 -11.21 -1.03 -14.57
CA ARG B 235 -11.73 -2.03 -15.50
C ARG B 235 -12.37 -3.17 -14.71
N LEU B 236 -13.68 -3.34 -14.85
CA LEU B 236 -14.35 -4.48 -14.24
C LEU B 236 -14.24 -5.70 -15.17
N GLU B 237 -14.49 -6.88 -14.59
CA GLU B 237 -14.28 -8.11 -15.36
C GLU B 237 -15.21 -8.18 -16.56
N ASN B 238 -16.39 -7.55 -16.48
CA ASN B 238 -17.31 -7.52 -17.60
C ASN B 238 -16.84 -6.59 -18.73
N GLY B 239 -15.64 -6.01 -18.63
CA GLY B 239 -15.10 -5.16 -19.67
C GLY B 239 -15.44 -3.69 -19.53
N LYS B 240 -16.37 -3.33 -18.67
CA LYS B 240 -16.79 -1.94 -18.53
C LYS B 240 -15.91 -1.21 -17.53
N VAL B 241 -16.12 0.10 -17.41
CA VAL B 241 -15.27 0.97 -16.60
C VAL B 241 -16.12 1.71 -15.57
N VAL B 242 -15.59 1.83 -14.35
CA VAL B 242 -16.24 2.61 -13.29
C VAL B 242 -15.22 3.49 -12.60
N GLY B 243 -15.71 4.49 -11.89
CA GLY B 243 -14.88 5.43 -11.16
C GLY B 243 -14.63 5.02 -9.72
N ASP B 244 -13.82 5.85 -9.05
CA ASP B 244 -13.51 5.68 -7.64
C ASP B 244 -14.65 6.10 -6.71
N VAL B 245 -15.67 6.76 -7.23
CA VAL B 245 -16.76 7.32 -6.43
C VAL B 245 -18.03 6.57 -6.77
N VAL B 246 -18.86 6.31 -5.76
CA VAL B 246 -20.17 5.71 -5.96
C VAL B 246 -21.07 6.78 -6.55
N PHE B 247 -21.19 6.81 -7.88
CA PHE B 247 -21.88 7.90 -8.57
C PHE B 247 -23.27 8.14 -7.98
N GLU B 248 -24.07 7.07 -7.91
CA GLU B 248 -25.48 7.21 -7.54
C GLU B 248 -25.64 7.86 -6.16
N ASP B 249 -24.73 7.57 -5.24
CA ASP B 249 -24.84 8.11 -3.89
C ASP B 249 -24.23 9.50 -3.79
N ALA B 250 -23.13 9.74 -4.50
CA ALA B 250 -22.51 11.05 -4.49
C ALA B 250 -23.39 12.10 -5.19
N ALA B 251 -24.14 11.70 -6.20
CA ALA B 251 -24.98 12.64 -6.93
C ALA B 251 -26.15 13.14 -6.07
N LYS B 252 -26.45 12.48 -4.96
CA LYS B 252 -27.47 12.99 -4.02
C LYS B 252 -26.99 14.22 -3.26
N ARG B 253 -25.69 14.41 -3.13
CA ARG B 253 -25.15 15.49 -2.31
C ARG B 253 -24.33 16.50 -3.09
N ALA B 254 -23.62 16.10 -4.13
CA ALA B 254 -22.77 17.02 -4.85
C ALA B 254 -23.57 18.05 -5.64
N SER B 255 -22.93 19.19 -5.89
CA SER B 255 -23.50 20.16 -6.82
C SER B 255 -23.16 19.78 -8.25
N TYR B 256 -21.93 19.33 -8.49
CA TYR B 256 -21.44 18.88 -9.79
C TYR B 256 -20.67 17.58 -9.61
N ILE B 257 -20.77 16.69 -10.60
CA ILE B 257 -20.05 15.42 -10.52
C ILE B 257 -19.69 14.92 -11.92
N THR B 258 -18.45 14.44 -12.05
CA THR B 258 -17.99 13.82 -13.28
C THR B 258 -18.43 12.37 -13.32
N PRO B 259 -19.10 11.93 -14.38
CA PRO B 259 -19.35 10.50 -14.55
C PRO B 259 -18.07 9.78 -14.98
N VAL B 260 -18.13 8.46 -14.88
CA VAL B 260 -17.11 7.58 -15.45
C VAL B 260 -17.81 6.39 -16.09
N PRO B 261 -17.61 6.13 -17.40
CA PRO B 261 -16.78 6.90 -18.32
C PRO B 261 -17.40 8.25 -18.67
N GLY B 262 -16.69 9.07 -19.44
CA GLY B 262 -17.25 10.31 -19.96
C GLY B 262 -16.92 11.55 -19.16
N GLY B 263 -15.93 11.50 -18.28
CA GLY B 263 -15.56 12.64 -17.48
C GLY B 263 -14.12 13.07 -17.71
N VAL B 264 -13.23 12.67 -16.80
CA VAL B 264 -11.83 13.10 -16.87
C VAL B 264 -11.10 12.43 -18.03
N GLY B 265 -11.44 11.18 -18.35
CA GLY B 265 -10.76 10.45 -19.39
C GLY B 265 -10.60 11.22 -20.69
N PRO B 266 -11.72 11.62 -21.30
CA PRO B 266 -11.63 12.40 -22.54
C PRO B 266 -10.84 13.68 -22.40
N MET B 267 -10.83 14.29 -21.22
CA MET B 267 -10.07 15.52 -21.03
C MET B 267 -8.58 15.25 -20.96
N THR B 268 -8.17 14.11 -20.42
CA THR B 268 -6.76 13.74 -20.46
C THR B 268 -6.26 13.69 -21.91
N VAL B 269 -7.04 13.08 -22.80
CA VAL B 269 -6.67 13.00 -24.22
C VAL B 269 -6.70 14.40 -24.84
N ALA B 270 -7.75 15.16 -24.57
CA ALA B 270 -7.86 16.50 -25.13
C ALA B 270 -6.72 17.41 -24.68
N THR B 271 -6.24 17.22 -23.44
CA THR B 271 -5.16 18.06 -22.94
C THR B 271 -3.83 17.68 -23.58
N LEU B 272 -3.59 16.39 -23.78
CA LEU B 272 -2.44 15.97 -24.57
C LEU B 272 -2.45 16.68 -25.91
N ILE B 273 -3.63 16.80 -26.53
CA ILE B 273 -3.76 17.44 -27.84
C ILE B 273 -3.50 18.94 -27.73
N GLU B 274 -4.08 19.57 -26.70
CA GLU B 274 -3.81 20.99 -26.45
C GLU B 274 -2.33 21.25 -26.22
N ASN B 275 -1.67 20.38 -25.44
CA ASN B 275 -0.25 20.56 -25.17
C ASN B 275 0.58 20.49 -26.44
N THR B 276 0.19 19.62 -27.37
CA THR B 276 0.94 19.47 -28.62
C THR B 276 0.80 20.72 -29.48
N LEU B 277 -0.41 21.27 -29.59
CA LEU B 277 -0.59 22.52 -30.30
C LEU B 277 0.19 23.64 -29.62
N GLN B 278 0.18 23.67 -28.29
CA GLN B 278 0.95 24.68 -27.56
C GLN B 278 2.44 24.55 -27.85
N ALA B 279 2.96 23.32 -27.79
CA ALA B 279 4.37 23.12 -28.13
C ALA B 279 4.66 23.62 -29.53
N CYS B 280 3.77 23.31 -30.49
CA CYS B 280 3.98 23.74 -31.87
C CYS B 280 3.95 25.26 -31.99
N VAL B 281 2.93 25.90 -31.42
CA VAL B 281 2.70 27.31 -31.67
C VAL B 281 3.65 28.20 -30.87
N GLU B 282 3.99 27.80 -29.64
CA GLU B 282 4.74 28.67 -28.74
C GLU B 282 6.23 28.36 -28.69
N TYR B 283 6.64 27.11 -28.91
CA TYR B 283 8.03 26.71 -28.68
C TYR B 283 8.78 26.34 -29.94
N HIS B 284 8.10 26.03 -31.04
CA HIS B 284 8.76 25.56 -32.24
C HIS B 284 8.40 26.35 -33.50
N ASP B 285 7.38 27.19 -33.46
CA ASP B 285 7.01 28.06 -34.57
C ASP B 285 6.63 29.44 -34.05
N ALA C 3 -19.73 9.29 22.74
CA ALA C 3 -19.46 9.97 21.48
C ALA C 3 -19.23 8.98 20.33
N ALA C 4 -18.94 7.73 20.68
CA ALA C 4 -18.70 6.70 19.67
C ALA C 4 -19.98 6.43 18.89
N LYS C 5 -19.85 6.22 17.58
CA LYS C 5 -20.96 5.80 16.76
C LYS C 5 -21.23 4.32 16.97
N ILE C 6 -22.50 3.95 16.91
CA ILE C 6 -22.94 2.58 17.13
C ILE C 6 -22.83 1.80 15.82
N ILE C 7 -22.25 0.61 15.90
CA ILE C 7 -22.30 -0.34 14.79
C ILE C 7 -23.51 -1.22 15.05
N ASP C 8 -24.61 -0.91 14.36
CA ASP C 8 -25.94 -1.46 14.65
C ASP C 8 -26.15 -2.72 13.81
N GLY C 9 -25.83 -3.87 14.40
CA GLY C 9 -25.97 -5.14 13.71
C GLY C 9 -27.40 -5.51 13.37
N LYS C 10 -28.35 -5.12 14.21
CA LYS C 10 -29.76 -5.37 13.89
C LYS C 10 -30.12 -4.71 12.56
N THR C 11 -29.69 -3.45 12.38
CA THR C 11 -30.03 -2.70 11.18
C THR C 11 -29.34 -3.28 9.95
N ILE C 12 -28.06 -3.61 10.06
CA ILE C 12 -27.34 -4.18 8.92
C ILE C 12 -27.91 -5.56 8.56
N ALA C 13 -28.25 -6.37 9.58
CA ALA C 13 -28.82 -7.69 9.32
C ALA C 13 -30.16 -7.57 8.58
N GLN C 14 -30.95 -6.56 8.93
CA GLN C 14 -32.20 -6.29 8.22
C GLN C 14 -31.94 -6.01 6.74
N GLN C 15 -30.92 -5.21 6.43
CA GLN C 15 -30.59 -4.95 5.03
C GLN C 15 -30.22 -6.23 4.29
N VAL C 16 -29.45 -7.10 4.94
CA VAL C 16 -29.01 -8.34 4.30
C VAL C 16 -30.20 -9.25 4.04
N ARG C 17 -31.06 -9.44 5.04
CA ARG C 17 -32.25 -10.27 4.85
C ARG C 17 -33.14 -9.74 3.73
N SER C 18 -33.30 -8.42 3.65
CA SER C 18 -34.13 -7.83 2.60
C SER C 18 -33.53 -8.07 1.21
N GLU C 19 -32.23 -7.86 1.06
CA GLU C 19 -31.57 -8.14 -0.21
C GLU C 19 -31.70 -9.62 -0.59
N VAL C 20 -31.50 -10.53 0.38
CA VAL C 20 -31.63 -11.96 0.09
C VAL C 20 -33.07 -12.30 -0.31
N ALA C 21 -34.04 -11.84 0.49
CA ALA C 21 -35.45 -12.07 0.16
C ALA C 21 -35.76 -11.63 -1.27
N GLN C 22 -35.32 -10.44 -1.65
CA GLN C 22 -35.64 -9.90 -2.97
C GLN C 22 -35.06 -10.79 -4.07
N MLY C 23 -33.83 -11.24 -3.85
CA MLY C 23 -33.17 -12.08 -4.84
CB MLY C 23 -31.66 -12.11 -4.57
CG MLY C 23 -31.03 -10.74 -4.84
CD MLY C 23 -29.72 -10.51 -4.11
CE MLY C 23 -28.62 -11.40 -4.67
NZ MLY C 23 -27.28 -10.74 -4.61
CH1 MLY C 23 -26.95 -10.42 -3.21
CH2 MLY C 23 -26.33 -11.77 -5.06
C MLY C 23 -33.75 -13.49 -4.87
O MLY C 23 -34.09 -14.00 -5.94
H MLY C 23 -33.36 -11.09 -3.16
HA MLY C 23 -33.30 -11.69 -5.73
HB2 MLY C 23 -31.24 -12.76 -5.16
HB3 MLY C 23 -31.48 -12.40 -3.53
HG2 MLY C 23 -31.65 -10.05 -4.55
HG3 MLY C 23 -30.86 -10.63 -5.91
HD2 MLY C 23 -29.84 -10.73 -3.17
HD3 MLY C 23 -29.42 -9.47 -4.20
HE2 MLY C 23 -28.81 -11.60 -5.60
HE3 MLY C 23 -28.59 -12.33 -4.10
HH11 MLY C 23 -25.98 -9.95 -3.16
HH12 MLY C 23 -26.93 -11.34 -2.63
HH13 MLY C 23 -27.71 -9.75 -2.81
HH21 MLY C 23 -25.31 -11.39 -4.95
HH22 MLY C 23 -26.52 -11.99 -6.12
HH23 MLY C 23 -26.46 -12.68 -4.47
N VAL C 24 -34.45 -13.87 -3.79
CA VAL C 24 -35.20 -15.13 -3.79
C VAL C 24 -36.48 -14.93 -4.61
N GLN C 25 -37.18 -13.83 -4.36
CA GLN C 25 -38.41 -13.55 -5.11
C GLN C 25 -38.15 -13.43 -6.60
N ALA C 26 -37.03 -12.78 -6.98
CA ALA C 26 -36.69 -12.67 -8.40
C ALA C 26 -36.45 -14.04 -9.01
N ARG C 27 -35.73 -14.91 -8.29
CA ARG C 27 -35.51 -16.28 -8.77
C ARG C 27 -36.83 -16.99 -9.03
N ILE C 28 -37.79 -16.84 -8.12
CA ILE C 28 -39.08 -17.53 -8.25
C ILE C 28 -39.88 -16.99 -9.42
N ALA C 29 -39.92 -15.67 -9.58
CA ALA C 29 -40.64 -15.09 -10.71
C ALA C 29 -40.07 -15.55 -12.04
N ALA C 30 -38.81 -16.00 -12.05
CA ALA C 30 -38.18 -16.50 -13.26
C ALA C 30 -38.28 -18.01 -13.38
N GLY C 31 -39.10 -18.65 -12.56
CA GLY C 31 -39.25 -20.10 -12.61
C GLY C 31 -38.12 -20.88 -11.99
N LEU C 32 -37.28 -20.25 -11.17
CA LEU C 32 -36.16 -20.92 -10.55
C LEU C 32 -36.48 -21.23 -9.09
N ARG C 33 -35.91 -22.33 -8.60
CA ARG C 33 -36.23 -22.79 -7.25
C ARG C 33 -35.64 -21.84 -6.21
N ALA C 34 -36.27 -21.81 -5.04
CA ALA C 34 -35.73 -21.09 -3.90
C ALA C 34 -34.56 -21.86 -3.29
N PRO C 35 -33.64 -21.17 -2.61
CA PRO C 35 -32.55 -21.89 -1.93
C PRO C 35 -33.09 -22.86 -0.88
N GLY C 36 -32.30 -23.89 -0.60
CA GLY C 36 -32.70 -24.92 0.33
C GLY C 36 -31.65 -25.14 1.40
N LEU C 37 -32.12 -25.27 2.65
CA LEU C 37 -31.25 -25.46 3.81
C LEU C 37 -31.65 -26.72 4.57
N ALA C 38 -30.69 -27.62 4.80
CA ALA C 38 -30.93 -28.83 5.59
C ALA C 38 -30.15 -28.73 6.89
N VAL C 39 -30.84 -28.98 8.01
CA VAL C 39 -30.23 -28.99 9.33
C VAL C 39 -30.30 -30.42 9.87
N VAL C 40 -29.18 -30.89 10.42
CA VAL C 40 -29.08 -32.26 10.92
C VAL C 40 -28.78 -32.20 12.41
N LEU C 41 -29.68 -32.80 13.20
CA LEU C 41 -29.54 -32.93 14.65
C LEU C 41 -29.51 -34.40 15.01
N VAL C 42 -28.67 -34.77 15.99
CA VAL C 42 -28.54 -36.17 16.38
C VAL C 42 -28.62 -36.23 17.90
N GLY C 43 -29.66 -36.89 18.42
CA GLY C 43 -29.81 -37.08 19.85
C GLY C 43 -30.03 -35.80 20.64
N SER C 44 -30.66 -34.80 20.05
CA SER C 44 -30.91 -33.54 20.74
C SER C 44 -32.28 -33.56 21.41
N ASN C 45 -32.53 -32.55 22.23
CA ASN C 45 -33.80 -32.38 22.91
C ASN C 45 -34.21 -30.92 22.79
N PRO C 46 -35.50 -30.61 23.03
CA PRO C 46 -35.96 -29.23 22.86
C PRO C 46 -35.11 -28.19 23.56
N ALA C 47 -34.49 -28.53 24.68
CA ALA C 47 -33.69 -27.55 25.43
C ALA C 47 -32.50 -27.09 24.60
N SER C 48 -31.82 -28.02 23.93
CA SER C 48 -30.62 -27.70 23.15
C SER C 48 -30.94 -27.24 21.73
N GLN C 49 -32.19 -26.88 21.45
CA GLN C 49 -32.61 -26.45 20.12
C GLN C 49 -33.04 -24.99 20.11
N ILE C 50 -32.62 -24.19 21.10
CA ILE C 50 -32.99 -22.78 21.12
C ILE C 50 -32.39 -22.09 19.91
N TYR C 51 -31.05 -22.06 19.83
CA TYR C 51 -30.35 -21.45 18.71
C TYR C 51 -30.91 -21.93 17.37
N VAL C 52 -31.27 -23.21 17.29
CA VAL C 52 -31.70 -23.80 16.02
C VAL C 52 -33.00 -23.17 15.54
N ALA C 53 -34.03 -23.17 16.41
CA ALA C 53 -35.32 -22.64 16.01
C ALA C 53 -35.21 -21.21 15.51
N SER C 54 -34.29 -20.43 16.11
CA SER C 54 -34.18 -19.02 15.74
C SER C 54 -33.67 -18.83 14.33
N LYS C 55 -32.86 -19.77 13.82
CA LYS C 55 -32.40 -19.67 12.44
C LYS C 55 -33.55 -19.91 11.47
N ARG C 56 -34.54 -20.72 11.86
CA ARG C 56 -35.66 -21.03 10.97
C ARG C 56 -36.66 -19.88 10.86
N LYS C 57 -36.82 -19.08 11.91
CA LYS C 57 -37.66 -17.89 11.79
C LYS C 57 -37.12 -16.95 10.72
N ALA C 58 -35.79 -16.92 10.53
CA ALA C 58 -35.18 -16.04 9.53
C ALA C 58 -35.20 -16.67 8.14
N CYS C 59 -35.05 -18.01 8.05
CA CYS C 59 -35.26 -18.68 6.77
C CYS C 59 -36.67 -18.48 6.26
N GLU C 60 -37.64 -18.40 7.17
CA GLU C 60 -39.01 -18.14 6.75
C GLU C 60 -39.14 -16.76 6.11
N GLU C 61 -38.45 -15.76 6.66
CA GLU C 61 -38.59 -14.40 6.17
C GLU C 61 -38.04 -14.26 4.75
N VAL C 62 -36.94 -14.96 4.44
CA VAL C 62 -36.33 -14.80 3.13
C VAL C 62 -36.86 -15.78 2.11
N GLY C 63 -37.70 -16.73 2.52
CA GLY C 63 -38.32 -17.63 1.57
C GLY C 63 -37.52 -18.86 1.23
N PHE C 64 -36.58 -19.26 2.08
CA PHE C 64 -35.85 -20.50 1.83
C PHE C 64 -36.77 -21.70 2.06
N VAL C 65 -36.49 -22.77 1.34
CA VAL C 65 -36.97 -24.08 1.75
C VAL C 65 -36.05 -24.57 2.84
N SER C 66 -36.62 -25.15 3.89
CA SER C 66 -35.80 -25.66 4.98
C SER C 66 -36.27 -27.04 5.39
N ARG C 67 -35.32 -27.85 5.79
CA ARG C 67 -35.49 -29.26 6.05
C ARG C 67 -34.72 -29.58 7.33
N SER C 68 -35.39 -30.21 8.30
CA SER C 68 -34.77 -30.57 9.58
C SER C 68 -34.82 -32.07 9.77
N TYR C 69 -33.65 -32.67 9.97
CA TYR C 69 -33.51 -34.10 10.26
C TYR C 69 -33.22 -34.26 11.75
N ASP C 70 -34.15 -34.86 12.47
CA ASP C 70 -34.04 -35.06 13.91
C ASP C 70 -33.75 -36.54 14.14
N LEU C 71 -32.45 -36.87 14.24
CA LEU C 71 -32.05 -38.26 14.30
C LEU C 71 -31.85 -38.70 15.75
N PRO C 72 -32.16 -39.95 16.10
CA PRO C 72 -32.00 -40.40 17.48
C PRO C 72 -30.54 -40.68 17.84
N GLU C 73 -30.30 -40.72 19.17
CA GLU C 73 -28.97 -40.97 19.73
C GLU C 73 -28.41 -42.33 19.32
N THR C 74 -29.24 -43.23 18.79
CA THR C 74 -28.79 -44.54 18.33
C THR C 74 -28.19 -44.49 16.93
N THR C 75 -28.28 -43.36 16.24
CA THR C 75 -27.74 -43.25 14.89
C THR C 75 -26.25 -43.55 14.88
N SER C 76 -25.83 -44.41 13.96
CA SER C 76 -24.43 -44.75 13.82
C SER C 76 -23.69 -43.69 13.00
N GLU C 77 -22.36 -43.72 13.10
CA GLU C 77 -21.54 -42.83 12.27
C GLU C 77 -21.73 -43.12 10.79
N ALA C 78 -21.82 -44.39 10.41
CA ALA C 78 -22.04 -44.73 9.02
C ALA C 78 -23.38 -44.19 8.53
N GLU C 79 -24.45 -44.39 9.30
CA GLU C 79 -25.74 -43.85 8.90
C GLU C 79 -25.67 -42.33 8.75
N LEU C 80 -24.97 -41.67 9.66
CA LEU C 80 -24.88 -40.22 9.60
C LEU C 80 -24.10 -39.78 8.36
N LEU C 81 -23.01 -40.48 8.03
CA LEU C 81 -22.27 -40.16 6.81
C LEU C 81 -23.09 -40.45 5.56
N GLU C 82 -23.96 -41.47 5.63
CA GLU C 82 -24.84 -41.76 4.50
C GLU C 82 -25.82 -40.63 4.25
N LEU C 83 -26.40 -40.06 5.31
CA LEU C 83 -27.28 -38.91 5.14
C LEU C 83 -26.53 -37.73 4.51
N ILE C 84 -25.31 -37.42 4.99
CA ILE C 84 -24.57 -36.31 4.42
C ILE C 84 -24.34 -36.54 2.92
N ASP C 85 -23.92 -37.75 2.55
CA ASP C 85 -23.76 -38.11 1.14
C ASP C 85 -25.04 -37.83 0.36
N THR C 86 -26.19 -38.21 0.93
CA THR C 86 -27.46 -37.96 0.27
C THR C 86 -27.69 -36.46 0.11
N LEU C 87 -27.47 -35.69 1.17
CA LEU C 87 -27.68 -34.24 1.08
C LEU C 87 -26.70 -33.61 0.09
N ASN C 88 -25.44 -34.07 0.07
CA ASN C 88 -24.47 -33.56 -0.89
C ASN C 88 -24.96 -33.75 -2.32
N ALA C 89 -25.70 -34.83 -2.57
CA ALA C 89 -26.17 -35.15 -3.91
C ALA C 89 -27.57 -34.61 -4.20
N ASP C 90 -28.25 -34.03 -3.21
CA ASP C 90 -29.59 -33.51 -3.40
C ASP C 90 -29.51 -32.11 -4.01
N ASN C 91 -29.84 -31.99 -5.30
CA ASN C 91 -29.70 -30.73 -6.02
C ASN C 91 -30.61 -29.63 -5.50
N THR C 92 -31.59 -29.96 -4.66
CA THR C 92 -32.47 -28.95 -4.08
C THR C 92 -31.95 -28.39 -2.77
N ILE C 93 -30.87 -28.95 -2.22
CA ILE C 93 -30.26 -28.47 -0.98
C ILE C 93 -29.00 -27.69 -1.32
N ASP C 94 -28.91 -26.46 -0.82
CA ASP C 94 -27.74 -25.61 -1.03
C ASP C 94 -26.86 -25.48 0.20
N GLY C 95 -27.42 -25.61 1.37
CA GLY C 95 -26.65 -25.58 2.61
C GLY C 95 -26.97 -26.77 3.48
N ILE C 96 -25.93 -27.32 4.09
CA ILE C 96 -26.03 -28.39 5.07
C ILE C 96 -25.42 -27.91 6.38
N LEU C 97 -26.18 -28.01 7.46
CA LEU C 97 -25.70 -27.67 8.80
C LEU C 97 -25.86 -28.88 9.71
N VAL C 98 -24.78 -29.28 10.38
CA VAL C 98 -24.79 -30.39 11.34
C VAL C 98 -24.56 -29.80 12.73
N GLN C 99 -25.54 -29.95 13.61
CA GLN C 99 -25.44 -29.36 14.93
C GLN C 99 -24.70 -30.30 15.88
N LEU C 100 -23.83 -29.74 16.69
CA LEU C 100 -23.12 -30.47 17.72
C LEU C 100 -23.80 -30.27 19.06
N PRO C 101 -23.59 -31.18 20.03
CA PRO C 101 -22.73 -32.36 19.97
C PRO C 101 -23.34 -33.53 19.22
N LEU C 102 -22.49 -34.40 18.72
CA LEU C 102 -22.89 -35.69 18.17
C LEU C 102 -22.74 -36.79 19.22
N PRO C 103 -23.40 -37.93 19.04
CA PRO C 103 -23.31 -38.99 20.04
C PRO C 103 -21.87 -39.41 20.31
N ALA C 104 -21.59 -39.76 21.56
CA ALA C 104 -20.26 -40.21 21.94
C ALA C 104 -19.85 -41.38 21.04
N GLY C 105 -18.59 -41.36 20.61
CA GLY C 105 -18.07 -42.40 19.75
C GLY C 105 -18.13 -42.09 18.27
N ILE C 106 -18.81 -41.03 17.86
CA ILE C 106 -18.87 -40.64 16.46
C ILE C 106 -17.77 -39.61 16.22
N ASP C 107 -17.00 -39.80 15.15
CA ASP C 107 -15.92 -38.89 14.76
C ASP C 107 -16.55 -37.60 14.22
N ASN C 108 -16.57 -36.56 15.05
CA ASN C 108 -17.12 -35.26 14.64
C ASN C 108 -16.43 -34.71 13.40
N VAL C 109 -15.12 -34.89 13.32
CA VAL C 109 -14.34 -34.31 12.23
C VAL C 109 -14.70 -35.00 10.92
N LYS C 110 -14.75 -36.33 10.93
CA LYS C 110 -15.09 -37.08 9.73
C LYS C 110 -16.46 -36.67 9.20
N VAL C 111 -17.45 -36.51 10.09
CA VAL C 111 -18.79 -36.14 9.66
C VAL C 111 -18.79 -34.73 9.07
N LEU C 112 -18.24 -33.77 9.81
CA LEU C 112 -18.33 -32.39 9.35
C LEU C 112 -17.53 -32.16 8.07
N GLU C 113 -16.38 -32.84 7.93
CA GLU C 113 -15.60 -32.73 6.70
C GLU C 113 -16.22 -33.45 5.53
N ARG C 114 -17.21 -34.32 5.77
CA ARG C 114 -17.91 -34.99 4.68
C ARG C 114 -18.81 -34.04 3.90
N ILE C 115 -19.24 -32.94 4.52
CA ILE C 115 -20.04 -31.95 3.81
C ILE C 115 -19.24 -31.37 2.67
N HIS C 116 -19.83 -31.35 1.47
CA HIS C 116 -19.20 -30.67 0.34
C HIS C 116 -18.95 -29.21 0.73
N PRO C 117 -17.75 -28.68 0.50
CA PRO C 117 -17.49 -27.28 0.89
C PRO C 117 -18.46 -26.28 0.29
N ASP C 118 -18.96 -26.53 -0.92
CA ASP C 118 -19.91 -25.62 -1.55
C ASP C 118 -21.31 -25.72 -0.94
N LYS C 119 -21.52 -26.60 0.04
CA LYS C 119 -22.75 -26.63 0.82
C LYS C 119 -22.50 -26.33 2.28
N ASP C 120 -21.26 -26.05 2.67
CA ASP C 120 -20.89 -25.79 4.05
C ASP C 120 -21.11 -24.30 4.37
N VAL C 121 -22.38 -23.93 4.48
CA VAL C 121 -22.74 -22.54 4.71
C VAL C 121 -22.28 -22.02 6.06
N ASP C 122 -21.98 -22.92 7.01
CA ASP C 122 -21.34 -22.50 8.26
C ASP C 122 -19.91 -22.02 8.01
N GLY C 123 -19.25 -22.57 7.00
CA GLY C 123 -18.01 -22.03 6.49
C GLY C 123 -16.74 -22.51 7.15
N PHE C 124 -16.81 -23.52 8.02
CA PHE C 124 -15.64 -23.95 8.79
C PHE C 124 -15.02 -25.23 8.26
N HIS C 125 -15.51 -25.77 7.16
CA HIS C 125 -14.81 -26.85 6.50
C HIS C 125 -13.37 -26.40 6.24
N PRO C 126 -12.36 -27.24 6.49
CA PRO C 126 -10.98 -26.78 6.26
C PRO C 126 -10.70 -26.32 4.83
N TYR C 127 -11.32 -26.94 3.83
CA TYR C 127 -11.19 -26.43 2.46
C TYR C 127 -11.58 -24.97 2.37
N ASN C 128 -12.67 -24.60 3.04
CA ASN C 128 -13.18 -23.24 2.95
C ASN C 128 -12.31 -22.26 3.72
N VAL C 129 -11.87 -22.66 4.91
CA VAL C 129 -10.92 -21.82 5.64
C VAL C 129 -9.64 -21.64 4.84
N GLY C 130 -9.12 -22.74 4.27
CA GLY C 130 -7.92 -22.63 3.47
C GLY C 130 -8.08 -21.68 2.29
N ARG C 131 -9.22 -21.78 1.59
CA ARG C 131 -9.48 -20.88 0.47
C ARG C 131 -9.47 -19.43 0.92
N LEU C 132 -10.07 -19.14 2.09
CA LEU C 132 -9.96 -17.81 2.68
C LEU C 132 -8.50 -17.44 2.95
N CYS C 133 -7.73 -18.36 3.54
CA CYS C 133 -6.31 -18.09 3.77
C CYS C 133 -5.58 -17.75 2.48
N GLN C 134 -5.97 -18.36 1.37
CA GLN C 134 -5.28 -18.18 0.10
C GLN C 134 -5.83 -17.02 -0.73
N ARG C 135 -6.68 -16.18 -0.14
CA ARG C 135 -7.21 -14.98 -0.78
C ARG C 135 -8.16 -15.30 -1.95
N ALA C 136 -8.74 -16.50 -1.96
CA ALA C 136 -9.73 -16.88 -2.98
C ALA C 136 -10.93 -17.51 -2.28
N PRO C 137 -11.59 -16.76 -1.42
CA PRO C 137 -12.59 -17.36 -0.54
C PRO C 137 -13.79 -17.87 -1.31
N ARG C 138 -14.43 -18.87 -0.71
CA ARG C 138 -15.68 -19.40 -1.24
C ARG C 138 -16.75 -19.08 -0.21
N LEU C 139 -17.40 -20.10 0.33
CA LEU C 139 -18.20 -19.89 1.53
C LEU C 139 -17.29 -19.63 2.72
N ARG C 140 -17.59 -18.61 3.51
CA ARG C 140 -16.69 -18.16 4.55
C ARG C 140 -17.30 -18.32 5.95
N PRO C 141 -16.47 -18.68 6.96
CA PRO C 141 -16.94 -18.67 8.36
C PRO C 141 -17.88 -17.51 8.62
N CYS C 142 -19.04 -17.82 9.22
CA CYS C 142 -20.13 -16.86 9.27
CA CYS C 142 -20.14 -16.86 9.25
C CYS C 142 -19.80 -15.65 10.11
N THR C 143 -19.37 -15.87 11.35
CA THR C 143 -19.20 -14.72 12.24
C THR C 143 -18.08 -13.80 11.77
N PRO C 144 -16.88 -14.27 11.45
CA PRO C 144 -15.88 -13.35 10.91
C PRO C 144 -16.37 -12.59 9.68
N ARG C 145 -17.06 -13.27 8.76
CA ARG C 145 -17.54 -12.61 7.54
C ARG C 145 -18.60 -11.57 7.85
N GLY C 146 -19.48 -11.86 8.82
CA GLY C 146 -20.45 -10.85 9.22
C GLY C 146 -19.79 -9.61 9.79
N ILE C 147 -18.67 -9.79 10.49
CA ILE C 147 -17.93 -8.65 11.04
C ILE C 147 -17.38 -7.79 9.90
N VAL C 148 -16.78 -8.43 8.90
CA VAL C 148 -16.31 -7.69 7.72
C VAL C 148 -17.45 -6.94 7.08
N THR C 149 -18.63 -7.56 7.00
CA THR C 149 -19.79 -6.89 6.41
C THR C 149 -20.17 -5.64 7.20
N LEU C 150 -20.14 -5.73 8.53
CA LEU C 150 -20.35 -4.54 9.35
C LEU C 150 -19.41 -3.41 8.96
N LEU C 151 -18.12 -3.73 8.76
CA LEU C 151 -17.16 -2.68 8.44
C LEU C 151 -17.41 -2.11 7.04
N GLU C 152 -17.73 -2.97 6.07
CA GLU C 152 -18.08 -2.51 4.74
C GLU C 152 -19.31 -1.60 4.77
N ARG C 153 -20.35 -2.03 5.48
CA ARG C 153 -21.63 -1.31 5.46
C ARG C 153 -21.52 0.04 6.13
N TYR C 154 -20.63 0.19 7.10
CA TYR C 154 -20.35 1.50 7.68
C TYR C 154 -19.23 2.23 6.96
N ASN C 155 -18.71 1.65 5.88
CA ASN C 155 -17.70 2.31 5.04
C ASN C 155 -16.44 2.63 5.83
N ILE C 156 -15.93 1.63 6.53
CA ILE C 156 -14.68 1.74 7.29
C ILE C 156 -13.57 1.14 6.44
N ASP C 157 -12.55 1.94 6.12
CA ASP C 157 -11.41 1.46 5.35
C ASP C 157 -10.55 0.57 6.23
N THR C 158 -10.40 -0.69 5.82
CA THR C 158 -9.64 -1.66 6.60
C THR C 158 -8.17 -1.71 6.20
N PHE C 159 -7.82 -1.22 5.02
CA PHE C 159 -6.45 -1.36 4.52
C PHE C 159 -5.53 -0.44 5.31
N GLY C 160 -4.49 -1.02 5.89
CA GLY C 160 -3.56 -0.29 6.70
C GLY C 160 -3.89 -0.22 8.17
N LEU C 161 -5.08 -0.65 8.58
CA LEU C 161 -5.44 -0.62 9.99
C LEU C 161 -4.57 -1.59 10.77
N ASN C 162 -4.16 -1.17 11.96
CA ASN C 162 -3.53 -2.06 12.92
C ASN C 162 -4.65 -2.75 13.68
N ALA C 163 -4.87 -4.02 13.38
CA ALA C 163 -5.96 -4.80 13.96
C ALA C 163 -5.41 -5.80 14.97
N VAL C 164 -6.11 -5.92 16.10
CA VAL C 164 -5.75 -6.87 17.16
C VAL C 164 -6.96 -7.73 17.41
N VAL C 165 -6.76 -9.05 17.33
CA VAL C 165 -7.75 -10.05 17.70
C VAL C 165 -7.36 -10.63 19.05
N ILE C 166 -8.31 -10.68 19.97
CA ILE C 166 -8.10 -11.32 21.28
C ILE C 166 -9.00 -12.54 21.32
N GLY C 167 -8.38 -13.70 21.50
CA GLY C 167 -9.07 -14.97 21.41
C GLY C 167 -8.60 -15.69 20.15
N ALA C 168 -7.87 -16.80 20.31
CA ALA C 168 -7.31 -17.53 19.18
C ALA C 168 -8.08 -18.81 18.87
N SER C 169 -9.42 -18.76 19.02
CA SER C 169 -10.24 -19.95 18.83
C SER C 169 -10.45 -20.24 17.34
N ASN C 170 -10.75 -21.51 17.05
CA ASN C 170 -11.05 -21.91 15.68
C ASN C 170 -12.36 -21.31 15.18
N ILE C 171 -13.28 -20.97 16.09
CA ILE C 171 -14.60 -20.53 15.67
C ILE C 171 -14.61 -19.04 15.30
N VAL C 172 -13.66 -18.26 15.78
CA VAL C 172 -13.65 -16.82 15.48
C VAL C 172 -12.23 -16.34 15.22
N GLY C 173 -11.36 -16.44 16.21
CA GLY C 173 -10.08 -15.74 16.16
C GLY C 173 -9.22 -16.12 14.98
N ARG C 174 -8.98 -17.42 14.79
CA ARG C 174 -8.08 -17.84 13.73
C ARG C 174 -8.62 -17.48 12.35
N PRO C 175 -9.87 -17.80 12.00
CA PRO C 175 -10.39 -17.30 10.72
C PRO C 175 -10.55 -15.80 10.69
N MET C 176 -10.81 -15.15 11.82
CA MET C 176 -10.89 -13.68 11.81
C MET C 176 -9.59 -13.06 11.30
N SER C 177 -8.44 -13.57 11.76
CA SER C 177 -7.16 -13.01 11.33
C SER C 177 -7.00 -13.10 9.82
N MET C 178 -7.49 -14.18 9.20
CA MET C 178 -7.35 -14.31 7.75
C MET C 178 -8.36 -13.45 6.99
N GLU C 179 -9.55 -13.21 7.55
CA GLU C 179 -10.44 -12.20 6.97
C GLU C 179 -9.82 -10.81 7.05
N LEU C 180 -9.17 -10.50 8.17
CA LEU C 180 -8.53 -9.20 8.34
C LEU C 180 -7.38 -9.01 7.36
N LEU C 181 -6.54 -10.04 7.21
CA LEU C 181 -5.45 -9.95 6.24
C LEU C 181 -5.98 -9.78 4.84
N LEU C 182 -7.08 -10.47 4.50
CA LEU C 182 -7.69 -10.27 3.19
C LEU C 182 -8.21 -8.85 3.03
N ALA C 183 -8.63 -8.22 4.13
CA ALA C 183 -9.09 -6.84 4.12
C ALA C 183 -7.94 -5.83 4.27
N GLY C 184 -6.70 -6.30 4.25
CA GLY C 184 -5.56 -5.39 4.21
C GLY C 184 -5.10 -4.88 5.56
N CYS C 185 -5.62 -5.42 6.65
CA CYS C 185 -5.19 -5.01 7.98
C CYS C 185 -3.83 -5.63 8.31
N THR C 186 -3.01 -4.87 9.01
CA THR C 186 -1.93 -5.46 9.79
C THR C 186 -2.56 -6.19 10.96
N THR C 187 -2.30 -7.49 11.09
CA THR C 187 -3.12 -8.36 11.92
C THR C 187 -2.29 -8.98 13.02
N THR C 188 -2.67 -8.72 14.26
CA THR C 188 -2.05 -9.32 15.44
C THR C 188 -3.05 -10.23 16.13
N VAL C 189 -2.63 -11.44 16.46
CA VAL C 189 -3.47 -12.43 17.16
C VAL C 189 -2.90 -12.61 18.56
N THR C 190 -3.76 -12.41 19.56
CA THR C 190 -3.42 -12.57 20.97
C THR C 190 -4.45 -13.48 21.62
N HIS C 191 -4.25 -13.75 22.91
CA HIS C 191 -5.26 -14.39 23.76
C HIS C 191 -5.23 -13.74 25.13
N ARG C 192 -6.17 -14.14 26.00
CA ARG C 192 -6.36 -13.40 27.24
C ARG C 192 -5.17 -13.47 28.18
N PHE C 193 -4.28 -14.45 28.03
CA PHE C 193 -3.09 -14.56 28.88
C PHE C 193 -1.81 -14.10 28.18
N THR C 194 -1.92 -13.38 27.08
CA THR C 194 -0.76 -12.92 26.31
C THR C 194 0.05 -11.90 27.12
N LYS C 195 1.38 -12.00 26.97
CA LYS C 195 2.29 -11.06 27.62
C LYS C 195 1.94 -9.62 27.24
N ASN C 196 1.84 -8.75 28.26
CA ASN C 196 1.43 -7.36 28.13
C ASN C 196 0.33 -7.15 27.08
N LEU C 197 -0.85 -7.71 27.37
CA LEU C 197 -1.97 -7.63 26.43
C LEU C 197 -2.41 -6.19 26.22
N ARG C 198 -2.42 -5.39 27.29
CA ARG C 198 -2.87 -4.02 27.18
C ARG C 198 -2.04 -3.23 26.17
N HIS C 199 -0.72 -3.47 26.13
CA HIS C 199 0.10 -2.78 25.14
C HIS C 199 -0.40 -3.02 23.72
N HIS C 200 -0.73 -4.27 23.41
CA HIS C 200 -1.25 -4.58 22.08
C HIS C 200 -2.60 -3.91 21.85
N VAL C 201 -3.46 -3.90 22.87
CA VAL C 201 -4.81 -3.39 22.71
C VAL C 201 -4.79 -1.88 22.48
N GLU C 202 -4.02 -1.14 23.28
CA GLU C 202 -4.02 0.31 23.18
C GLU C 202 -3.36 0.81 21.91
N ASN C 203 -2.72 -0.07 21.13
CA ASN C 203 -2.17 0.31 19.83
C ASN C 203 -3.01 -0.21 18.67
N ALA C 204 -4.22 -0.72 18.94
CA ALA C 204 -5.08 -1.28 17.91
C ALA C 204 -6.06 -0.24 17.40
N ASP C 205 -5.99 0.05 16.09
CA ASP C 205 -7.04 0.82 15.43
C ASP C 205 -8.34 0.03 15.34
N LEU C 206 -8.24 -1.29 15.27
CA LEU C 206 -9.38 -2.16 15.12
C LEU C 206 -9.21 -3.31 16.11
N LEU C 207 -10.17 -3.45 17.02
CA LEU C 207 -10.08 -4.42 18.10
C LEU C 207 -11.24 -5.39 17.97
N ILE C 208 -10.91 -6.67 17.91
CA ILE C 208 -11.92 -7.72 17.86
C ILE C 208 -11.71 -8.58 19.10
N VAL C 209 -12.69 -8.56 20.01
CA VAL C 209 -12.61 -9.24 21.30
C VAL C 209 -13.57 -10.42 21.27
N ALA C 210 -13.02 -11.62 21.46
CA ALA C 210 -13.78 -12.85 21.40
C ALA C 210 -13.29 -13.81 22.49
N VAL C 211 -13.29 -13.34 23.74
CA VAL C 211 -12.81 -14.12 24.87
C VAL C 211 -13.95 -14.77 25.68
N GLY C 212 -15.16 -14.24 25.56
CA GLY C 212 -16.28 -14.81 26.31
C GLY C 212 -16.11 -14.63 27.81
N LYS C 213 -15.84 -13.40 28.23
CA LYS C 213 -15.70 -13.10 29.64
C LYS C 213 -16.20 -11.67 29.88
N PRO C 214 -17.28 -11.49 30.62
CA PRO C 214 -17.90 -10.15 30.71
C PRO C 214 -16.96 -9.12 31.32
N GLY C 215 -16.89 -7.96 30.67
CA GLY C 215 -16.10 -6.86 31.18
C GLY C 215 -14.61 -7.10 31.14
N PHE C 216 -14.13 -7.96 30.24
CA PHE C 216 -12.72 -8.31 30.23
C PHE C 216 -11.86 -7.12 29.81
N ILE C 217 -12.31 -6.33 28.84
CA ILE C 217 -11.55 -5.19 28.32
C ILE C 217 -12.14 -3.92 28.90
N PRO C 218 -11.43 -3.21 29.79
CA PRO C 218 -11.93 -1.93 30.26
C PRO C 218 -11.84 -0.85 29.19
N GLY C 219 -12.59 0.22 29.40
CA GLY C 219 -12.56 1.33 28.45
C GLY C 219 -11.18 1.96 28.34
N ASP C 220 -10.46 2.03 29.46
CA ASP C 220 -9.13 2.66 29.49
C ASP C 220 -8.20 2.05 28.46
N TRP C 221 -8.39 0.77 28.13
CA TRP C 221 -7.50 0.09 27.21
C TRP C 221 -7.71 0.54 25.76
N ILE C 222 -8.88 1.09 25.45
CA ILE C 222 -9.23 1.33 24.05
C ILE C 222 -8.44 2.53 23.54
N LYS C 223 -7.78 2.34 22.39
CA LYS C 223 -7.10 3.45 21.75
C LYS C 223 -8.11 4.51 21.31
N GLU C 224 -7.75 5.77 21.44
CA GLU C 224 -8.62 6.87 21.04
C GLU C 224 -8.94 6.75 19.55
N GLY C 225 -10.23 6.71 19.22
CA GLY C 225 -10.65 6.59 17.83
C GLY C 225 -10.70 5.18 17.30
N ALA C 226 -10.57 4.17 18.15
CA ALA C 226 -10.52 2.80 17.70
C ALA C 226 -11.91 2.29 17.31
N ILE C 227 -11.92 1.29 16.45
CA ILE C 227 -13.12 0.52 16.13
C ILE C 227 -13.11 -0.72 17.02
N VAL C 228 -14.16 -0.89 17.81
CA VAL C 228 -14.26 -1.96 18.79
C VAL C 228 -15.36 -2.92 18.34
N ILE C 229 -14.98 -4.15 18.07
CA ILE C 229 -15.92 -5.22 17.71
C ILE C 229 -15.93 -6.20 18.87
N ASP C 230 -17.08 -6.31 19.53
CA ASP C 230 -17.27 -7.15 20.70
C ASP C 230 -18.06 -8.39 20.30
N VAL C 231 -17.38 -9.53 20.20
CA VAL C 231 -18.03 -10.77 19.81
C VAL C 231 -18.63 -11.52 20.99
N GLY C 232 -18.26 -11.17 22.21
CA GLY C 232 -18.75 -11.90 23.36
C GLY C 232 -20.26 -11.75 23.53
N ILE C 233 -20.90 -12.83 23.95
CA ILE C 233 -22.29 -12.81 24.36
C ILE C 233 -22.34 -13.58 25.67
N ASN C 234 -22.33 -12.85 26.79
CA ASN C 234 -22.17 -13.43 28.12
C ASN C 234 -23.44 -13.23 28.90
N ARG C 235 -24.01 -14.34 29.40
CA ARG C 235 -25.16 -14.27 30.27
C ARG C 235 -24.72 -13.96 31.70
N LEU C 236 -25.34 -12.96 32.29
CA LEU C 236 -25.16 -12.68 33.71
C LEU C 236 -26.27 -13.36 34.50
N GLU C 237 -26.05 -13.47 35.82
CA GLU C 237 -26.99 -14.15 36.68
C GLU C 237 -28.37 -13.48 36.73
N ASN C 238 -28.47 -12.18 36.42
CA ASN C 238 -29.77 -11.50 36.39
C ASN C 238 -30.49 -11.62 35.06
N GLY C 239 -29.95 -12.39 34.13
CA GLY C 239 -30.61 -12.62 32.87
C GLY C 239 -30.11 -11.75 31.74
N LYS C 240 -29.35 -10.70 32.02
CA LYS C 240 -28.88 -9.82 30.97
C LYS C 240 -27.75 -10.47 30.19
N VAL C 241 -27.54 -9.96 28.98
CA VAL C 241 -26.48 -10.36 28.09
C VAL C 241 -25.56 -9.16 27.88
N VAL C 242 -24.25 -9.36 28.08
CA VAL C 242 -23.27 -8.30 27.93
C VAL C 242 -22.09 -8.83 27.13
N GLY C 243 -21.27 -7.90 26.62
CA GLY C 243 -20.12 -8.26 25.82
C GLY C 243 -18.86 -8.42 26.65
N ASP C 244 -17.75 -8.66 25.95
CA ASP C 244 -16.45 -8.75 26.60
C ASP C 244 -15.84 -7.38 26.90
N VAL C 245 -16.42 -6.30 26.38
CA VAL C 245 -15.91 -4.95 26.56
C VAL C 245 -16.88 -4.21 27.48
N VAL C 246 -16.32 -3.40 28.37
CA VAL C 246 -17.12 -2.48 29.20
C VAL C 246 -17.67 -1.40 28.29
N PHE C 247 -18.93 -1.53 27.90
CA PHE C 247 -19.46 -0.75 26.78
C PHE C 247 -19.36 0.76 27.03
N GLU C 248 -19.84 1.23 28.17
CA GLU C 248 -19.96 2.67 28.38
C GLU C 248 -18.60 3.35 28.46
N ASP C 249 -17.65 2.73 29.12
CA ASP C 249 -16.31 3.31 29.19
C ASP C 249 -15.59 3.22 27.84
N ALA C 250 -15.88 2.18 27.07
CA ALA C 250 -15.28 2.07 25.75
C ALA C 250 -15.90 3.08 24.78
N ALA C 251 -17.20 3.33 24.92
CA ALA C 251 -17.91 4.23 24.01
C ALA C 251 -17.47 5.68 24.16
N LYS C 252 -16.77 6.02 25.24
CA LYS C 252 -16.24 7.38 25.40
C LYS C 252 -14.94 7.61 24.64
N ARG C 253 -14.28 6.54 24.18
CA ARG C 253 -12.98 6.67 23.54
C ARG C 253 -12.94 6.14 22.11
N ALA C 254 -13.81 5.19 21.76
CA ALA C 254 -13.82 4.61 20.43
C ALA C 254 -14.58 5.50 19.44
N SER C 255 -14.26 5.34 18.15
CA SER C 255 -15.01 6.03 17.11
C SER C 255 -16.24 5.22 16.71
N TYR C 256 -16.12 3.89 16.72
CA TYR C 256 -17.21 2.97 16.45
C TYR C 256 -17.16 1.84 17.46
N ILE C 257 -18.33 1.38 17.90
CA ILE C 257 -18.38 0.25 18.83
C ILE C 257 -19.67 -0.53 18.58
N THR C 258 -19.56 -1.87 18.66
CA THR C 258 -20.71 -2.75 18.57
C THR C 258 -21.34 -2.91 19.95
N PRO C 259 -22.63 -2.67 20.11
CA PRO C 259 -23.29 -3.01 21.38
C PRO C 259 -23.52 -4.50 21.51
N VAL C 260 -23.82 -4.90 22.74
CA VAL C 260 -24.23 -6.27 23.03
C VAL C 260 -25.42 -6.21 23.98
N PRO C 261 -26.59 -6.77 23.64
CA PRO C 261 -26.88 -7.46 22.37
C PRO C 261 -26.99 -6.49 21.18
N GLY C 262 -27.20 -7.02 19.98
CA GLY C 262 -27.51 -6.21 18.81
C GLY C 262 -26.36 -5.81 17.92
N GLY C 263 -25.19 -6.44 18.06
CA GLY C 263 -24.04 -6.08 17.25
C GLY C 263 -23.63 -7.22 16.33
N VAL C 264 -22.67 -8.04 16.76
CA VAL C 264 -22.20 -9.14 15.92
C VAL C 264 -23.25 -10.25 15.85
N GLY C 265 -24.02 -10.44 16.92
CA GLY C 265 -24.97 -11.54 17.02
C GLY C 265 -25.85 -11.67 15.80
N PRO C 266 -26.62 -10.63 15.50
CA PRO C 266 -27.51 -10.70 14.33
C PRO C 266 -26.79 -10.98 13.04
N MET C 267 -25.53 -10.57 12.91
CA MET C 267 -24.82 -10.74 11.65
C MET C 267 -24.38 -12.16 11.41
N THR C 268 -24.25 -12.97 12.46
CA THR C 268 -23.95 -14.39 12.28
C THR C 268 -25.08 -15.10 11.54
N VAL C 269 -26.32 -14.88 12.00
CA VAL C 269 -27.48 -15.48 11.35
C VAL C 269 -27.64 -14.95 9.94
N ALA C 270 -27.52 -13.63 9.77
CA ALA C 270 -27.68 -13.05 8.45
C ALA C 270 -26.60 -13.53 7.48
N THR C 271 -25.40 -13.80 7.97
CA THR C 271 -24.35 -14.30 7.08
C THR C 271 -24.60 -15.75 6.71
N LEU C 272 -25.12 -16.54 7.65
CA LEU C 272 -25.57 -17.89 7.32
C LEU C 272 -26.59 -17.87 6.19
N ILE C 273 -27.53 -16.91 6.24
CA ILE C 273 -28.52 -16.73 5.17
C ILE C 273 -27.84 -16.32 3.87
N GLU C 274 -26.93 -15.35 3.96
CA GLU C 274 -26.19 -14.88 2.79
C GLU C 274 -25.39 -16.00 2.14
N ASN C 275 -24.73 -16.82 2.97
CA ASN C 275 -23.94 -17.93 2.45
C ASN C 275 -24.81 -18.95 1.73
N THR C 276 -26.02 -19.19 2.25
CA THR C 276 -26.91 -20.15 1.61
C THR C 276 -27.39 -19.65 0.25
N LEU C 277 -27.73 -18.36 0.16
CA LEU C 277 -28.08 -17.79 -1.13
C LEU C 277 -26.89 -17.87 -2.09
N GLN C 278 -25.70 -17.55 -1.61
CA GLN C 278 -24.52 -17.60 -2.46
C GLN C 278 -24.31 -18.99 -3.02
N ALA C 279 -24.40 -20.02 -2.17
CA ALA C 279 -24.22 -21.39 -2.63
C ALA C 279 -25.19 -21.72 -3.75
N CYS C 280 -26.45 -21.29 -3.60
CA CYS C 280 -27.46 -21.53 -4.62
C CYS C 280 -27.13 -20.77 -5.92
N VAL C 281 -26.85 -19.47 -5.80
CA VAL C 281 -26.75 -18.58 -6.95
C VAL C 281 -25.45 -18.79 -7.72
N GLU C 282 -24.33 -18.99 -7.01
CA GLU C 282 -23.04 -19.09 -7.67
C GLU C 282 -22.63 -20.53 -7.96
N TYR C 283 -22.87 -21.46 -7.02
CA TYR C 283 -22.22 -22.76 -7.06
C TYR C 283 -23.12 -23.89 -7.55
N HIS C 284 -24.44 -23.76 -7.42
CA HIS C 284 -25.34 -24.87 -7.71
C HIS C 284 -26.25 -24.61 -8.90
N ASP C 285 -26.94 -23.47 -8.91
CA ASP C 285 -27.90 -23.15 -9.98
C ASP C 285 -27.63 -21.76 -10.52
N PRO C 286 -26.45 -21.52 -11.12
CA PRO C 286 -26.07 -20.20 -11.63
C PRO C 286 -26.77 -19.82 -12.93
N GLY D 2 28.82 -8.40 21.39
CA GLY D 2 27.90 -7.89 20.35
C GLY D 2 28.01 -8.63 19.03
N ALA D 3 27.92 -9.96 19.11
CA ALA D 3 27.97 -10.82 17.93
C ALA D 3 26.80 -11.77 17.95
N ALA D 4 26.16 -11.94 16.79
CA ALA D 4 25.00 -12.81 16.68
C ALA D 4 25.42 -14.22 16.27
N LYS D 5 24.67 -15.20 16.77
CA LYS D 5 24.95 -16.59 16.41
C LYS D 5 24.31 -16.89 15.06
N ILE D 6 25.01 -17.70 14.27
CA ILE D 6 24.56 -18.03 12.91
C ILE D 6 23.71 -19.29 12.97
N ILE D 7 22.52 -19.22 12.40
CA ILE D 7 21.66 -20.38 12.25
C ILE D 7 22.03 -21.01 10.91
N ASP D 8 22.84 -22.08 10.96
CA ASP D 8 23.27 -22.75 9.74
C ASP D 8 22.23 -23.79 9.34
N GLY D 9 21.24 -23.35 8.55
CA GLY D 9 20.23 -24.28 8.06
C GLY D 9 20.79 -25.35 7.16
N LYS D 10 21.95 -25.12 6.54
CA LYS D 10 22.55 -26.15 5.70
C LYS D 10 22.93 -27.37 6.52
N THR D 11 23.54 -27.18 7.68
CA THR D 11 23.89 -28.33 8.52
C THR D 11 22.65 -29.03 9.04
N ILE D 12 21.66 -28.25 9.52
CA ILE D 12 20.44 -28.83 10.05
C ILE D 12 19.73 -29.64 8.96
N ALA D 13 19.61 -29.07 7.77
CA ALA D 13 18.97 -29.79 6.67
C ALA D 13 19.67 -31.12 6.42
N GLN D 14 21.00 -31.12 6.49
CA GLN D 14 21.75 -32.35 6.30
C GLN D 14 21.40 -33.37 7.38
N GLN D 15 21.29 -32.92 8.64
CA GLN D 15 20.86 -33.82 9.71
C GLN D 15 19.49 -34.40 9.41
N VAL D 16 18.53 -33.53 9.07
CA VAL D 16 17.17 -33.98 8.76
C VAL D 16 17.21 -35.06 7.68
N ARG D 17 17.89 -34.78 6.57
CA ARG D 17 17.94 -35.75 5.48
C ARG D 17 18.61 -37.04 5.94
N SER D 18 19.65 -36.95 6.76
CA SER D 18 20.26 -38.16 7.31
C SER D 18 19.25 -38.98 8.09
N GLU D 19 18.45 -38.33 8.94
CA GLU D 19 17.46 -39.07 9.72
C GLU D 19 16.46 -39.76 8.80
N VAL D 20 15.99 -39.06 7.78
CA VAL D 20 15.05 -39.64 6.83
C VAL D 20 15.67 -40.86 6.16
N ALA D 21 16.91 -40.73 5.68
CA ALA D 21 17.59 -41.86 5.05
C ALA D 21 17.65 -43.05 5.98
N GLN D 22 17.98 -42.81 7.26
CA GLN D 22 18.02 -43.89 8.23
C GLN D 22 16.66 -44.55 8.37
N LYS D 23 15.60 -43.74 8.47
CA LYS D 23 14.25 -44.28 8.56
C LYS D 23 13.87 -45.04 7.28
N VAL D 24 14.31 -44.56 6.12
CA VAL D 24 14.03 -45.26 4.87
C VAL D 24 14.75 -46.60 4.86
N GLN D 25 16.03 -46.64 5.27
CA GLN D 25 16.77 -47.89 5.31
C GLN D 25 16.10 -48.90 6.23
N ALA D 26 15.60 -48.45 7.38
CA ALA D 26 14.90 -49.35 8.28
C ALA D 26 13.67 -49.95 7.63
N ARG D 27 12.91 -49.14 6.88
CA ARG D 27 11.76 -49.66 6.15
C ARG D 27 12.19 -50.75 5.17
N ILE D 28 13.23 -50.49 4.39
CA ILE D 28 13.67 -51.47 3.40
C ILE D 28 14.07 -52.77 4.09
N ALA D 29 14.78 -52.68 5.21
CA ALA D 29 15.16 -53.89 5.94
C ALA D 29 13.95 -54.63 6.46
N ALA D 30 12.88 -53.92 6.80
CA ALA D 30 11.65 -54.53 7.29
C ALA D 30 10.78 -55.07 6.17
N GLY D 31 11.23 -54.97 4.91
CA GLY D 31 10.44 -55.45 3.79
C GLY D 31 9.42 -54.47 3.28
N LEU D 32 9.48 -53.21 3.68
CA LEU D 32 8.54 -52.20 3.25
C LEU D 32 9.14 -51.36 2.13
N ARG D 33 8.27 -50.77 1.31
CA ARG D 33 8.72 -50.00 0.16
C ARG D 33 9.28 -48.65 0.60
N ALA D 34 10.14 -48.09 -0.25
CA ALA D 34 10.62 -46.74 -0.03
C ALA D 34 9.54 -45.73 -0.39
N PRO D 35 9.58 -44.54 0.22
CA PRO D 35 8.62 -43.50 -0.17
C PRO D 35 8.75 -43.17 -1.65
N GLY D 36 7.65 -42.72 -2.23
CA GLY D 36 7.60 -42.43 -3.65
C GLY D 36 7.09 -41.04 -3.92
N LEU D 37 7.76 -40.34 -4.84
CA LEU D 37 7.37 -38.99 -5.24
C LEU D 37 7.10 -38.96 -6.74
N ALA D 38 6.02 -38.30 -7.13
CA ALA D 38 5.66 -38.13 -8.53
C ALA D 38 5.69 -36.65 -8.89
N VAL D 39 6.30 -36.33 -10.02
CA VAL D 39 6.42 -34.96 -10.51
C VAL D 39 5.81 -34.88 -11.90
N VAL D 40 5.03 -33.83 -12.14
CA VAL D 40 4.27 -33.68 -13.39
C VAL D 40 4.70 -32.38 -14.07
N LEU D 41 5.20 -32.51 -15.31
CA LEU D 41 5.63 -31.39 -16.14
C LEU D 41 4.85 -31.38 -17.44
N VAL D 42 4.66 -30.19 -18.02
CA VAL D 42 3.95 -30.06 -19.29
C VAL D 42 4.76 -29.21 -20.27
N GLY D 43 6.00 -28.87 -19.92
CA GLY D 43 6.83 -28.06 -20.78
C GLY D 43 8.26 -28.55 -20.93
N TYR D 51 14.99 -26.17 -10.39
CA TYR D 51 15.03 -26.59 -8.99
C TYR D 51 14.58 -28.04 -8.85
N VAL D 52 13.73 -28.49 -9.78
CA VAL D 52 13.17 -29.83 -9.66
C VAL D 52 14.26 -30.89 -9.82
N ALA D 53 15.26 -30.62 -10.65
CA ALA D 53 16.40 -31.53 -10.76
C ALA D 53 17.22 -31.54 -9.48
N SER D 54 17.34 -30.40 -8.81
CA SER D 54 18.02 -30.36 -7.52
C SER D 54 17.21 -31.10 -6.46
N LYS D 55 15.88 -30.89 -6.44
CA LYS D 55 15.02 -31.68 -5.57
C LYS D 55 15.04 -33.15 -5.95
N ARG D 56 15.29 -33.46 -7.23
CA ARG D 56 15.41 -34.85 -7.65
C ARG D 56 16.67 -35.50 -7.10
N LYS D 57 17.76 -34.72 -6.95
CA LYS D 57 18.98 -35.28 -6.39
C LYS D 57 18.82 -35.63 -4.92
N ALA D 58 18.17 -34.76 -4.14
CA ALA D 58 18.00 -35.03 -2.72
C ALA D 58 17.12 -36.26 -2.49
N CYS D 59 16.18 -36.54 -3.40
CA CYS D 59 15.35 -37.73 -3.28
C CYS D 59 16.20 -38.99 -3.41
N GLU D 60 17.04 -39.05 -4.43
CA GLU D 60 17.94 -40.20 -4.59
C GLU D 60 18.91 -40.29 -3.42
N GLU D 61 19.23 -39.16 -2.80
CA GLU D 61 20.18 -39.13 -1.71
C GLU D 61 19.60 -39.69 -0.41
N VAL D 62 18.28 -39.65 -0.24
CA VAL D 62 17.64 -40.19 0.95
C VAL D 62 16.98 -41.53 0.71
N GLY D 63 17.05 -42.06 -0.51
CA GLY D 63 16.47 -43.36 -0.81
C GLY D 63 15.05 -43.34 -1.31
N PHE D 64 14.51 -42.18 -1.67
CA PHE D 64 13.20 -42.14 -2.29
C PHE D 64 13.25 -42.68 -3.71
N VAL D 65 12.09 -43.02 -4.24
CA VAL D 65 11.91 -43.29 -5.66
C VAL D 65 11.09 -42.14 -6.21
N SER D 66 11.68 -41.38 -7.12
CA SER D 66 10.94 -40.32 -7.80
C SER D 66 10.59 -40.78 -9.21
N ARG D 67 9.44 -40.32 -9.69
CA ARG D 67 9.08 -40.52 -11.09
C ARG D 67 8.57 -39.20 -11.63
N SER D 68 9.02 -38.85 -12.82
CA SER D 68 8.65 -37.59 -13.44
C SER D 68 7.82 -37.88 -14.69
N TYR D 69 6.70 -37.19 -14.82
CA TYR D 69 5.85 -37.28 -16.00
C TYR D 69 6.14 -36.07 -16.88
N ASP D 70 6.51 -36.31 -18.12
CA ASP D 70 6.72 -35.26 -19.10
C ASP D 70 5.56 -35.33 -20.08
N LEU D 71 4.64 -34.40 -19.94
CA LEU D 71 3.47 -34.37 -20.80
C LEU D 71 3.64 -33.32 -21.90
N PRO D 72 3.05 -33.53 -23.06
CA PRO D 72 3.18 -32.57 -24.16
C PRO D 72 2.35 -31.31 -23.94
N GLU D 73 2.71 -30.26 -24.67
CA GLU D 73 1.99 -29.00 -24.61
C GLU D 73 0.53 -29.14 -25.01
N THR D 74 0.19 -30.14 -25.80
CA THR D 74 -1.18 -30.34 -26.26
C THR D 74 -2.09 -30.94 -25.20
N THR D 75 -1.56 -31.23 -24.02
CA THR D 75 -2.36 -31.90 -23.00
C THR D 75 -3.54 -31.02 -22.60
N SER D 76 -4.73 -31.64 -22.58
CA SER D 76 -5.93 -30.94 -22.17
C SER D 76 -6.07 -30.98 -20.65
N GLU D 77 -7.00 -30.18 -20.14
CA GLU D 77 -7.27 -30.17 -18.70
C GLU D 77 -7.82 -31.51 -18.24
N ALA D 78 -8.74 -32.09 -19.01
CA ALA D 78 -9.31 -33.38 -18.63
C ALA D 78 -8.25 -34.46 -18.55
N GLU D 79 -7.37 -34.54 -19.57
CA GLU D 79 -6.29 -35.51 -19.52
C GLU D 79 -5.43 -35.33 -18.28
N LEU D 80 -5.04 -34.09 -18.00
CA LEU D 80 -4.23 -33.80 -16.83
C LEU D 80 -4.97 -34.16 -15.54
N LEU D 81 -6.25 -33.82 -15.44
CA LEU D 81 -7.02 -34.20 -14.26
C LEU D 81 -7.10 -35.71 -14.12
N GLU D 82 -7.20 -36.43 -15.24
CA GLU D 82 -7.23 -37.88 -15.19
C GLU D 82 -5.91 -38.44 -14.67
N LEU D 83 -4.80 -37.84 -15.07
CA LEU D 83 -3.50 -38.29 -14.55
C LEU D 83 -3.42 -38.09 -13.05
N ILE D 84 -3.88 -36.95 -12.54
CA ILE D 84 -3.85 -36.73 -11.09
C ILE D 84 -4.69 -37.80 -10.38
N ASP D 85 -5.88 -38.10 -10.92
CA ASP D 85 -6.71 -39.17 -10.36
C ASP D 85 -5.93 -40.47 -10.25
N THR D 86 -5.22 -40.84 -11.32
CA THR D 86 -4.41 -42.06 -11.32
C THR D 86 -3.34 -42.02 -10.24
N LEU D 87 -2.64 -40.89 -10.11
CA LEU D 87 -1.60 -40.81 -9.09
C LEU D 87 -2.18 -40.81 -7.69
N ASN D 88 -3.36 -40.22 -7.50
CA ASN D 88 -4.02 -40.27 -6.20
C ASN D 88 -4.30 -41.72 -5.79
N ALA D 89 -4.64 -42.58 -6.75
CA ALA D 89 -5.00 -43.95 -6.47
C ALA D 89 -3.81 -44.91 -6.44
N ASP D 90 -2.62 -44.45 -6.85
CA ASP D 90 -1.44 -45.29 -6.84
C ASP D 90 -0.88 -45.34 -5.43
N ASN D 91 -1.04 -46.47 -4.74
CA ASN D 91 -0.59 -46.55 -3.36
C ASN D 91 0.94 -46.60 -3.23
N THR D 92 1.69 -46.64 -4.33
CA THR D 92 3.14 -46.50 -4.27
C THR D 92 3.59 -45.05 -4.32
N ILE D 93 2.68 -44.11 -4.55
CA ILE D 93 3.01 -42.70 -4.61
C ILE D 93 2.55 -42.05 -3.31
N ASP D 94 3.46 -41.38 -2.63
CA ASP D 94 3.14 -40.69 -1.38
C ASP D 94 3.01 -39.18 -1.55
N GLY D 95 3.67 -38.59 -2.55
CA GLY D 95 3.58 -37.16 -2.78
C GLY D 95 3.53 -36.86 -4.26
N ILE D 96 2.82 -35.78 -4.59
CA ILE D 96 2.59 -35.36 -5.97
C ILE D 96 2.95 -33.89 -6.08
N LEU D 97 3.85 -33.57 -7.01
CA LEU D 97 4.25 -32.20 -7.29
C LEU D 97 3.90 -31.86 -8.73
N VAL D 98 3.19 -30.76 -8.92
CA VAL D 98 2.87 -30.24 -10.24
C VAL D 98 3.68 -28.97 -10.43
N GLN D 99 4.55 -28.97 -11.44
CA GLN D 99 5.33 -27.78 -11.73
C GLN D 99 4.51 -26.82 -12.60
N LEU D 100 4.63 -25.53 -12.29
CA LEU D 100 3.84 -24.47 -12.89
C LEU D 100 4.74 -23.53 -13.69
N PRO D 101 4.32 -23.08 -14.88
CA PRO D 101 3.19 -23.50 -15.72
C PRO D 101 3.62 -24.71 -16.52
N LEU D 102 2.79 -25.60 -17.09
CA LEU D 102 1.31 -25.62 -17.16
C LEU D 102 0.73 -24.62 -18.18
N PRO D 103 0.37 -25.12 -19.36
CA PRO D 103 0.05 -24.22 -20.48
C PRO D 103 -1.19 -23.37 -20.21
N ALA D 104 -1.40 -22.43 -21.12
CA ALA D 104 -2.59 -21.60 -21.07
C ALA D 104 -3.83 -22.42 -21.40
N GLY D 105 -4.97 -21.99 -20.86
CA GLY D 105 -6.21 -22.70 -21.02
C GLY D 105 -6.46 -23.76 -19.96
N ILE D 106 -5.44 -24.15 -19.21
CA ILE D 106 -5.58 -25.10 -18.11
C ILE D 106 -5.82 -24.32 -16.82
N ASP D 107 -6.82 -24.73 -16.04
CA ASP D 107 -7.13 -24.09 -14.77
C ASP D 107 -6.13 -24.59 -13.73
N ASN D 108 -5.13 -23.77 -13.42
CA ASN D 108 -4.09 -24.18 -12.48
C ASN D 108 -4.69 -24.64 -11.15
N VAL D 109 -5.66 -23.87 -10.64
CA VAL D 109 -6.22 -24.16 -9.33
C VAL D 109 -6.97 -25.48 -9.34
N LYS D 110 -7.81 -25.70 -10.35
CA LYS D 110 -8.56 -26.95 -10.44
C LYS D 110 -7.63 -28.15 -10.45
N VAL D 111 -6.45 -28.03 -11.08
CA VAL D 111 -5.54 -29.17 -11.17
C VAL D 111 -4.88 -29.42 -9.83
N LEU D 112 -4.38 -28.36 -9.19
CA LEU D 112 -3.69 -28.53 -7.91
C LEU D 112 -4.64 -28.98 -6.81
N GLU D 113 -5.90 -28.54 -6.84
CA GLU D 113 -6.88 -28.97 -5.85
C GLU D 113 -7.35 -30.40 -6.08
N ARG D 114 -7.12 -30.97 -7.28
CA ARG D 114 -7.44 -32.37 -7.50
C ARG D 114 -6.48 -33.32 -6.79
N ILE D 115 -5.29 -32.85 -6.42
CA ILE D 115 -4.37 -33.66 -5.63
C ILE D 115 -5.02 -33.96 -4.29
N HIS D 116 -5.00 -35.24 -3.88
CA HIS D 116 -5.52 -35.58 -2.55
C HIS D 116 -4.63 -34.93 -1.49
N PRO D 117 -5.21 -34.25 -0.50
CA PRO D 117 -4.35 -33.56 0.49
C PRO D 117 -3.35 -34.48 1.17
N ASP D 118 -3.63 -35.79 1.24
CA ASP D 118 -2.68 -36.74 1.82
C ASP D 118 -1.40 -36.87 1.00
N LYS D 119 -1.42 -36.46 -0.27
CA LYS D 119 -0.22 -36.51 -1.11
C LYS D 119 0.28 -35.12 -1.48
N ASP D 120 -0.22 -34.08 -0.81
CA ASP D 120 0.18 -32.71 -1.10
C ASP D 120 1.36 -32.35 -0.20
N VAL D 121 2.53 -32.89 -0.56
CA VAL D 121 3.74 -32.73 0.25
C VAL D 121 4.26 -31.31 0.24
N ASP D 122 3.77 -30.45 -0.66
CA ASP D 122 4.07 -29.02 -0.63
C ASP D 122 3.25 -28.26 0.40
N GLY D 123 2.14 -28.83 0.86
CA GLY D 123 1.25 -28.11 1.75
C GLY D 123 0.53 -26.94 1.12
N PHE D 124 0.32 -26.97 -0.20
CA PHE D 124 -0.36 -25.88 -0.91
C PHE D 124 -1.86 -26.10 -1.03
N HIS D 125 -2.35 -27.29 -0.71
CA HIS D 125 -3.77 -27.56 -0.90
C HIS D 125 -4.56 -26.79 0.15
N PRO D 126 -5.64 -26.10 -0.21
CA PRO D 126 -6.40 -25.36 0.80
C PRO D 126 -6.87 -26.22 1.97
N TYR D 127 -7.22 -27.50 1.75
CA TYR D 127 -7.57 -28.35 2.88
C TYR D 127 -6.45 -28.40 3.91
N ASN D 128 -5.20 -28.54 3.46
CA ASN D 128 -4.08 -28.63 4.38
C ASN D 128 -3.81 -27.29 5.05
N VAL D 129 -3.89 -26.20 4.28
CA VAL D 129 -3.73 -24.88 4.87
C VAL D 129 -4.83 -24.63 5.89
N GLY D 130 -6.05 -25.04 5.58
CA GLY D 130 -7.16 -24.85 6.50
C GLY D 130 -7.03 -25.68 7.76
N ARG D 131 -6.54 -26.92 7.63
CA ARG D 131 -6.32 -27.75 8.80
C ARG D 131 -5.26 -27.15 9.72
N LEU D 132 -4.21 -26.57 9.14
CA LEU D 132 -3.18 -25.90 9.93
C LEU D 132 -3.74 -24.68 10.64
N CYS D 133 -4.46 -23.84 9.90
CA CYS D 133 -5.07 -22.64 10.47
C CYS D 133 -6.00 -22.99 11.63
N GLN D 134 -6.70 -24.13 11.52
CA GLN D 134 -7.60 -24.59 12.57
C GLN D 134 -6.90 -25.53 13.56
N ARG D 135 -5.58 -25.37 13.71
CA ARG D 135 -4.75 -26.06 14.70
C ARG D 135 -4.99 -27.57 14.72
N ALA D 136 -5.15 -28.15 13.53
CA ALA D 136 -5.17 -29.60 13.37
C ALA D 136 -4.38 -29.95 12.11
N PRO D 137 -3.08 -29.64 12.09
CA PRO D 137 -2.32 -29.71 10.85
C PRO D 137 -2.15 -31.15 10.36
N ARG D 138 -2.09 -31.27 9.03
CA ARG D 138 -1.72 -32.52 8.39
C ARG D 138 -0.37 -32.32 7.71
N LEU D 139 -0.35 -32.31 6.37
CA LEU D 139 0.84 -31.90 5.64
C LEU D 139 0.93 -30.38 5.61
N ARG D 140 2.08 -29.84 5.98
CA ARG D 140 2.22 -28.43 6.24
C ARG D 140 3.08 -27.72 5.19
N PRO D 141 2.74 -26.48 4.82
CA PRO D 141 3.62 -25.71 3.93
C PRO D 141 5.08 -25.85 4.32
N CYS D 142 5.94 -26.08 3.33
CA CYS D 142 7.30 -26.55 3.59
C CYS D 142 8.16 -25.47 4.25
N THR D 143 8.08 -24.24 3.77
CA THR D 143 9.00 -23.21 4.27
C THR D 143 8.69 -22.86 5.71
N PRO D 144 7.44 -22.58 6.11
CA PRO D 144 7.18 -22.29 7.53
C PRO D 144 7.46 -23.45 8.46
N ARG D 145 7.19 -24.69 8.05
CA ARG D 145 7.53 -25.82 8.91
C ARG D 145 9.04 -26.01 9.01
N GLY D 146 9.77 -25.76 7.92
CA GLY D 146 11.22 -25.81 8.00
C GLY D 146 11.78 -24.80 8.99
N ILE D 147 11.17 -23.61 9.05
CA ILE D 147 11.61 -22.58 9.96
C ILE D 147 11.38 -23.00 11.41
N VAL D 148 10.21 -23.59 11.70
CA VAL D 148 9.97 -24.10 13.04
C VAL D 148 10.99 -25.17 13.40
N THR D 149 11.29 -26.07 12.45
CA THR D 149 12.29 -27.10 12.70
C THR D 149 13.66 -26.49 12.97
N LEU D 150 14.02 -25.45 12.23
CA LEU D 150 15.28 -24.74 12.50
C LEU D 150 15.36 -24.32 13.96
N LEU D 151 14.31 -23.68 14.45
CA LEU D 151 14.31 -23.16 15.81
C LEU D 151 14.41 -24.29 16.82
N GLU D 152 13.68 -25.38 16.61
CA GLU D 152 13.77 -26.51 17.53
C GLU D 152 15.18 -27.07 17.58
N ARG D 153 15.80 -27.25 16.40
CA ARG D 153 17.14 -27.83 16.34
C ARG D 153 18.19 -26.93 16.97
N TYR D 154 17.93 -25.63 17.05
CA TYR D 154 18.80 -24.71 17.76
C TYR D 154 18.31 -24.41 19.16
N ASN D 155 17.32 -25.17 19.65
CA ASN D 155 16.87 -25.06 21.04
C ASN D 155 16.46 -23.63 21.38
N ILE D 156 15.81 -22.98 20.41
CA ILE D 156 15.32 -21.61 20.59
C ILE D 156 13.87 -21.69 21.04
N ASP D 157 13.62 -21.35 22.31
CA ASP D 157 12.27 -21.43 22.84
C ASP D 157 11.45 -20.25 22.34
N THR D 158 10.40 -20.54 21.59
CA THR D 158 9.56 -19.49 21.02
C THR D 158 8.32 -19.20 21.85
N PHE D 159 8.10 -19.93 22.93
CA PHE D 159 6.87 -19.75 23.70
C PHE D 159 6.81 -18.34 24.29
N GLY D 160 5.71 -17.64 24.01
CA GLY D 160 5.49 -16.32 24.56
C GLY D 160 6.17 -15.18 23.85
N LEU D 161 6.97 -15.45 22.82
CA LEU D 161 7.67 -14.37 22.13
C LEU D 161 6.71 -13.55 21.27
N ASN D 162 7.01 -12.26 21.15
CA ASN D 162 6.29 -11.38 20.23
C ASN D 162 6.93 -11.50 18.86
N ALA D 163 6.25 -12.20 17.96
CA ALA D 163 6.79 -12.51 16.64
C ALA D 163 6.09 -11.67 15.58
N VAL D 164 6.87 -11.15 14.64
CA VAL D 164 6.38 -10.34 13.54
C VAL D 164 6.81 -10.98 12.22
N VAL D 165 5.84 -11.17 11.33
CA VAL D 165 6.08 -11.71 10.00
C VAL D 165 5.95 -10.56 9.00
N ILE D 166 6.96 -10.39 8.16
CA ILE D 166 6.96 -9.34 7.13
C ILE D 166 6.70 -10.01 5.79
N GLY D 167 5.56 -9.72 5.20
CA GLY D 167 5.09 -10.41 4.00
C GLY D 167 3.96 -11.34 4.40
N ALA D 168 2.92 -11.38 3.56
CA ALA D 168 1.71 -12.13 3.87
C ALA D 168 1.39 -13.12 2.74
N SER D 169 2.41 -13.70 2.14
CA SER D 169 2.20 -14.58 0.99
C SER D 169 1.52 -15.88 1.40
N ASN D 170 0.85 -16.50 0.43
CA ASN D 170 0.17 -17.77 0.68
C ASN D 170 1.16 -18.87 1.02
N ILE D 171 2.40 -18.74 0.56
CA ILE D 171 3.39 -19.81 0.68
C ILE D 171 4.25 -19.68 1.92
N VAL D 172 4.39 -18.48 2.48
CA VAL D 172 5.25 -18.27 3.64
C VAL D 172 4.54 -17.50 4.73
N GLY D 173 4.33 -16.20 4.52
CA GLY D 173 3.81 -15.31 5.55
C GLY D 173 2.56 -15.78 6.25
N ARG D 174 1.51 -16.04 5.48
CA ARG D 174 0.25 -16.46 6.09
C ARG D 174 0.39 -17.76 6.87
N PRO D 175 0.85 -18.87 6.26
CA PRO D 175 1.05 -20.08 7.07
C PRO D 175 2.10 -19.92 8.15
N MET D 176 3.09 -19.03 7.96
CA MET D 176 4.06 -18.78 9.01
C MET D 176 3.37 -18.31 10.29
N SER D 177 2.37 -17.44 10.15
CA SER D 177 1.64 -16.97 11.33
C SER D 177 0.92 -18.13 12.02
N MET D 178 0.37 -19.06 11.25
CA MET D 178 -0.37 -20.17 11.85
C MET D 178 0.57 -21.11 12.60
N GLU D 179 1.78 -21.32 12.07
CA GLU D 179 2.76 -22.15 12.75
C GLU D 179 3.22 -21.53 14.07
N LEU D 180 3.49 -20.23 14.06
CA LEU D 180 4.00 -19.61 15.27
C LEU D 180 2.93 -19.56 16.37
N LEU D 181 1.66 -19.40 15.99
CA LEU D 181 0.60 -19.49 16.98
C LEU D 181 0.60 -20.85 17.66
N LEU D 182 0.77 -21.92 16.88
CA LEU D 182 0.88 -23.25 17.49
C LEU D 182 2.14 -23.38 18.34
N ALA D 183 3.16 -22.57 18.06
CA ALA D 183 4.39 -22.58 18.83
C ALA D 183 4.33 -21.64 20.03
N GLY D 184 3.18 -21.06 20.32
CA GLY D 184 3.00 -20.24 21.50
C GLY D 184 3.43 -18.79 21.37
N CYS D 185 3.63 -18.30 20.16
CA CYS D 185 3.99 -16.90 19.95
C CYS D 185 2.74 -16.04 19.88
N THR D 186 2.91 -14.77 20.24
CA THR D 186 2.04 -13.72 19.74
C THR D 186 2.48 -13.41 18.31
N THR D 187 1.53 -13.33 17.39
CA THR D 187 1.85 -13.21 15.97
C THR D 187 1.31 -11.91 15.40
N THR D 188 2.14 -11.23 14.60
CA THR D 188 1.75 -10.06 13.84
C THR D 188 2.19 -10.26 12.39
N VAL D 189 1.28 -10.05 11.45
CA VAL D 189 1.55 -10.19 10.02
C VAL D 189 1.43 -8.82 9.37
N THR D 190 2.52 -8.38 8.73
CA THR D 190 2.58 -7.11 8.00
C THR D 190 2.69 -7.38 6.51
N HIS D 191 2.53 -6.33 5.73
CA HIS D 191 2.46 -6.43 4.27
C HIS D 191 2.54 -5.02 3.71
N ARG D 192 2.30 -4.89 2.40
CA ARG D 192 2.49 -3.61 1.73
C ARG D 192 1.52 -2.53 2.21
N PHE D 193 0.42 -2.88 2.86
CA PHE D 193 -0.50 -1.89 3.37
C PHE D 193 -0.16 -1.42 4.77
N THR D 194 0.77 -2.08 5.45
CA THR D 194 1.13 -1.71 6.82
C THR D 194 1.67 -0.28 6.84
N LYS D 195 1.24 0.48 7.85
CA LYS D 195 1.58 1.90 7.93
C LYS D 195 2.86 2.14 8.73
N ASN D 196 2.96 1.50 9.90
CA ASN D 196 4.00 1.80 10.87
C ASN D 196 4.98 0.63 10.96
N LEU D 197 5.52 0.20 9.83
CA LEU D 197 6.27 -1.04 9.77
C LEU D 197 7.37 -1.08 10.83
N ARG D 198 8.13 0.02 10.97
CA ARG D 198 9.28 -0.02 11.86
C ARG D 198 8.85 -0.27 13.30
N HIS D 199 7.77 0.38 13.75
CA HIS D 199 7.27 0.12 15.09
C HIS D 199 7.11 -1.38 15.34
N HIS D 200 6.45 -2.08 14.42
CA HIS D 200 6.23 -3.52 14.61
C HIS D 200 7.55 -4.26 14.67
N VAL D 201 8.49 -3.94 13.76
CA VAL D 201 9.76 -4.67 13.70
C VAL D 201 10.57 -4.47 14.98
N GLU D 202 10.67 -3.22 15.44
CA GLU D 202 11.57 -2.95 16.56
C GLU D 202 11.06 -3.51 17.88
N ASN D 203 9.83 -4.06 17.92
CA ASN D 203 9.31 -4.71 19.11
C ASN D 203 9.19 -6.21 18.93
N ALA D 204 9.87 -6.77 17.93
CA ALA D 204 9.74 -8.19 17.59
C ALA D 204 10.88 -8.98 18.23
N ASP D 205 10.53 -9.91 19.11
CA ASP D 205 11.51 -10.84 19.66
C ASP D 205 11.93 -11.87 18.63
N LEU D 206 11.01 -12.24 17.74
CA LEU D 206 11.25 -13.15 16.63
C LEU D 206 10.76 -12.48 15.37
N LEU D 207 11.61 -12.44 14.35
CA LEU D 207 11.33 -11.70 13.12
C LEU D 207 11.47 -12.64 11.92
N ILE D 208 10.39 -12.77 11.14
CA ILE D 208 10.40 -13.54 9.90
C ILE D 208 10.20 -12.57 8.75
N VAL D 209 11.19 -12.51 7.85
CA VAL D 209 11.16 -11.58 6.73
C VAL D 209 10.99 -12.38 5.44
N ALA D 210 9.88 -12.13 4.73
CA ALA D 210 9.53 -12.87 3.53
C ALA D 210 8.87 -11.91 2.54
N VAL D 211 9.68 -10.98 2.00
CA VAL D 211 9.20 -10.00 1.04
C VAL D 211 9.77 -10.22 -0.35
N GLY D 212 10.91 -10.89 -0.48
CA GLY D 212 11.51 -11.05 -1.79
C GLY D 212 12.11 -9.77 -2.32
N LYS D 213 12.73 -8.96 -1.45
CA LYS D 213 13.36 -7.69 -1.80
C LYS D 213 14.65 -7.53 -1.01
N PRO D 214 15.82 -7.59 -1.65
CA PRO D 214 17.07 -7.54 -0.88
C PRO D 214 17.30 -6.18 -0.24
N GLY D 215 17.78 -6.21 1.00
CA GLY D 215 18.08 -5.00 1.73
C GLY D 215 16.88 -4.23 2.21
N PHE D 216 15.69 -4.84 2.21
CA PHE D 216 14.47 -4.10 2.53
C PHE D 216 14.41 -3.70 4.01
N ILE D 217 14.97 -4.51 4.90
CA ILE D 217 14.89 -4.26 6.34
C ILE D 217 16.26 -3.77 6.80
N PRO D 218 16.40 -2.50 7.21
CA PRO D 218 17.69 -2.04 7.72
C PRO D 218 18.06 -2.74 9.03
N GLY D 219 19.36 -2.72 9.33
CA GLY D 219 19.84 -3.39 10.53
C GLY D 219 19.39 -2.71 11.81
N ASP D 220 19.23 -1.39 11.79
CA ASP D 220 18.89 -0.65 12.99
C ASP D 220 17.41 -0.74 13.35
N TRP D 221 16.59 -1.38 12.52
CA TRP D 221 15.21 -1.66 12.91
C TRP D 221 15.12 -2.84 13.86
N ILE D 222 16.12 -3.71 13.88
CA ILE D 222 16.05 -4.95 14.65
C ILE D 222 16.05 -4.64 16.14
N LYS D 223 15.28 -5.43 16.90
CA LYS D 223 15.33 -5.36 18.35
C LYS D 223 16.56 -6.08 18.86
N GLU D 224 17.26 -5.44 19.80
CA GLU D 224 18.47 -6.04 20.38
C GLU D 224 18.13 -7.37 21.01
N GLY D 225 18.81 -8.44 20.58
CA GLY D 225 18.53 -9.78 21.04
C GLY D 225 17.51 -10.54 20.24
N ALA D 226 16.95 -9.93 19.19
CA ALA D 226 15.90 -10.56 18.42
C ALA D 226 16.44 -11.75 17.63
N ILE D 227 15.54 -12.67 17.31
CA ILE D 227 15.84 -13.79 16.42
C ILE D 227 15.37 -13.42 15.03
N VAL D 228 16.27 -13.47 14.05
CA VAL D 228 16.01 -12.97 12.70
C VAL D 228 16.06 -14.15 11.74
N ILE D 229 14.94 -14.43 11.07
CA ILE D 229 14.82 -15.47 10.06
C ILE D 229 14.58 -14.78 8.73
N ASP D 230 15.48 -14.99 7.78
CA ASP D 230 15.49 -14.30 6.50
C ASP D 230 15.13 -15.31 5.42
N VAL D 231 13.91 -15.20 4.91
CA VAL D 231 13.43 -16.14 3.90
C VAL D 231 13.75 -15.69 2.48
N GLY D 232 14.27 -14.48 2.32
CA GLY D 232 14.52 -13.96 0.98
C GLY D 232 15.65 -14.67 0.26
N ILE D 233 15.43 -14.93 -1.03
CA ILE D 233 16.44 -15.53 -1.90
C ILE D 233 16.44 -14.73 -3.20
N ASN D 234 17.29 -13.71 -3.27
CA ASN D 234 17.24 -12.72 -4.33
C ASN D 234 18.54 -12.73 -5.12
N ARG D 235 18.45 -12.97 -6.42
CA ARG D 235 19.65 -13.07 -7.27
C ARG D 235 20.18 -11.71 -7.72
N VAL D 241 23.13 -14.43 -4.70
CA VAL D 241 21.94 -14.62 -3.89
C VAL D 241 22.08 -13.87 -2.56
N VAL D 242 21.03 -13.12 -2.21
CA VAL D 242 21.05 -12.27 -1.02
C VAL D 242 19.65 -12.30 -0.39
N GLY D 243 19.61 -12.04 0.92
CA GLY D 243 18.37 -12.10 1.66
C GLY D 243 17.66 -10.75 1.75
N ASP D 244 16.46 -10.79 2.35
CA ASP D 244 15.67 -9.58 2.54
C ASP D 244 16.19 -8.69 3.67
N VAL D 245 17.12 -9.18 4.49
CA VAL D 245 17.69 -8.40 5.59
C VAL D 245 19.16 -8.11 5.29
N VAL D 246 19.61 -6.91 5.65
CA VAL D 246 21.02 -6.55 5.53
C VAL D 246 21.82 -7.37 6.53
N PHE D 247 22.43 -8.46 6.06
CA PHE D 247 22.86 -9.51 6.97
C PHE D 247 23.85 -8.99 8.01
N GLU D 248 24.75 -8.10 7.61
CA GLU D 248 25.84 -7.71 8.50
C GLU D 248 25.45 -6.58 9.46
N ASP D 249 24.57 -5.67 9.06
CA ASP D 249 24.12 -4.62 9.97
C ASP D 249 23.16 -5.15 11.02
N ALA D 250 22.34 -6.15 10.68
CA ALA D 250 21.46 -6.77 11.66
C ALA D 250 22.21 -7.75 12.55
N ALA D 251 23.34 -8.28 12.09
CA ALA D 251 24.10 -9.23 12.89
C ALA D 251 24.67 -8.59 14.15
N LYS D 252 24.77 -7.27 14.21
CA LYS D 252 25.30 -6.59 15.38
C LYS D 252 24.27 -6.39 16.48
N ARG D 253 22.98 -6.57 16.16
CA ARG D 253 21.91 -6.37 17.12
C ARG D 253 21.16 -7.66 17.47
N ALA D 254 21.09 -8.61 16.56
CA ALA D 254 20.34 -9.84 16.79
C ALA D 254 21.13 -10.81 17.65
N SER D 255 20.39 -11.66 18.37
CA SER D 255 21.01 -12.77 19.09
C SER D 255 21.24 -13.97 18.19
N TYR D 256 20.39 -14.14 17.18
CA TYR D 256 20.44 -15.24 16.23
C TYR D 256 19.99 -14.71 14.89
N ILE D 257 20.64 -15.19 13.81
CA ILE D 257 20.27 -14.76 12.47
C ILE D 257 20.62 -15.87 11.49
N THR D 258 19.77 -16.05 10.49
CA THR D 258 20.00 -16.99 9.40
C THR D 258 20.81 -16.31 8.29
N PRO D 259 21.82 -16.96 7.73
CA PRO D 259 22.49 -16.40 6.55
C PRO D 259 21.76 -16.75 5.27
N VAL D 260 22.06 -15.95 4.23
CA VAL D 260 21.54 -16.18 2.89
C VAL D 260 22.71 -16.07 1.93
N PRO D 261 23.10 -17.15 1.21
CA PRO D 261 22.49 -18.47 1.24
C PRO D 261 22.90 -19.32 2.44
N GLY D 262 22.28 -20.48 2.60
CA GLY D 262 22.66 -21.41 3.65
C GLY D 262 21.80 -21.40 4.90
N GLY D 263 20.59 -20.85 4.84
CA GLY D 263 19.74 -20.83 6.01
C GLY D 263 18.42 -21.54 5.79
N VAL D 264 17.39 -20.79 5.40
CA VAL D 264 16.04 -21.35 5.25
C VAL D 264 15.94 -22.21 4.00
N GLY D 265 16.58 -21.78 2.91
CA GLY D 265 16.49 -22.46 1.63
C GLY D 265 16.65 -23.96 1.75
N PRO D 266 17.77 -24.41 2.34
CA PRO D 266 17.97 -25.86 2.53
C PRO D 266 16.88 -26.52 3.34
N MET D 267 16.28 -25.80 4.28
CA MET D 267 15.23 -26.41 5.10
C MET D 267 13.94 -26.58 4.32
N THR D 268 13.68 -25.73 3.33
CA THR D 268 12.50 -25.91 2.50
C THR D 268 12.53 -27.27 1.82
N VAL D 269 13.66 -27.63 1.21
CA VAL D 269 13.78 -28.91 0.53
C VAL D 269 13.73 -30.05 1.53
N ALA D 270 14.52 -29.95 2.60
CA ALA D 270 14.51 -31.00 3.62
C ALA D 270 13.13 -31.20 4.20
N THR D 271 12.33 -30.13 4.27
CA THR D 271 10.97 -30.27 4.80
C THR D 271 10.06 -30.94 3.79
N LEU D 272 10.25 -30.64 2.50
CA LEU D 272 9.57 -31.41 1.46
C LEU D 272 9.83 -32.90 1.65
N ILE D 273 11.10 -33.27 1.89
CA ILE D 273 11.46 -34.66 2.10
C ILE D 273 10.80 -35.19 3.37
N GLU D 274 10.80 -34.41 4.44
CA GLU D 274 10.13 -34.84 5.66
C GLU D 274 8.65 -35.08 5.41
N ASN D 275 8.00 -34.17 4.66
CA ASN D 275 6.58 -34.31 4.37
C ASN D 275 6.29 -35.59 3.60
N THR D 276 7.17 -35.94 2.66
CA THR D 276 7.00 -37.16 1.88
C THR D 276 7.08 -38.40 2.77
N LEU D 277 8.07 -38.43 3.65
CA LEU D 277 8.16 -39.53 4.61
C LEU D 277 6.93 -39.57 5.51
N GLN D 278 6.48 -38.40 5.97
CA GLN D 278 5.30 -38.35 6.83
C GLN D 278 4.08 -38.93 6.12
N ALA D 279 3.88 -38.56 4.85
CA ALA D 279 2.76 -39.12 4.11
C ALA D 279 2.88 -40.63 4.00
N CYS D 280 4.08 -41.12 3.68
CA CYS D 280 4.27 -42.57 3.55
C CYS D 280 3.98 -43.27 4.88
N VAL D 281 4.58 -42.77 5.97
CA VAL D 281 4.54 -43.48 7.24
C VAL D 281 3.16 -43.38 7.87
N GLU D 282 2.59 -42.18 7.94
CA GLU D 282 1.38 -41.96 8.70
C GLU D 282 0.11 -42.18 7.89
N TYR D 283 0.11 -41.82 6.61
CA TYR D 283 -1.15 -41.76 5.85
C TYR D 283 -1.35 -42.91 4.85
N HIS D 284 -0.28 -43.55 4.38
CA HIS D 284 -0.39 -44.50 3.28
C HIS D 284 0.07 -45.91 3.64
N ASP D 285 1.12 -46.06 4.44
CA ASP D 285 1.64 -47.37 4.81
C ASP D 285 2.05 -47.34 6.28
N PRO D 286 1.07 -47.23 7.19
CA PRO D 286 1.36 -47.20 8.63
C PRO D 286 1.33 -48.59 9.27
C10 C3R E . 16.31 36.14 3.14
C13 C3R E . 16.68 35.70 6.40
C15 C3R E . 18.81 33.66 5.92
C17 C3R E . 19.95 34.21 6.35
C20 C3R E . 20.68 34.61 8.72
C21 C3R E . 19.36 34.67 9.45
C22 C3R E . 18.91 36.12 9.62
C26 C3R E . 18.22 33.98 11.69
C01 C3R E . 14.18 35.82 -0.23
C02 C3R E . 14.97 35.38 1.00
C03 C3R E . 16.18 34.62 0.59
C04 C3R E . 16.54 33.40 1.00
C05 C3R E . 17.74 32.61 0.62
O06 C3R E . 18.70 33.41 0.00
C07 C3R E . 18.42 31.92 1.87
O08 C3R E . 19.69 31.54 1.42
C09 C3R E . 15.37 36.54 1.98
C11 C3R E . 15.61 35.21 4.16
C12 C3R E . 16.51 34.63 5.30
C14 C3R E . 17.94 34.22 4.83
C16 C3R E . 18.32 32.38 6.57
C18 C3R E . 20.90 33.78 7.43
C19 C3R E . 22.35 33.85 6.92
C23 C3R E . 19.49 33.96 10.83
O24 C3R E . 19.81 32.63 10.51
C25 C3R E . 21.13 32.22 10.80
C27 C3R E . 18.37 33.17 12.98
O28 C3R E . 19.50 33.12 13.52
O29 C3R E . 17.35 32.60 13.40
O30 C3R E . 21.62 35.26 9.15
O31 C3R E . 17.76 33.17 3.86
C32 C3R E . 18.74 32.98 2.93
O33 C3R E . 19.78 33.59 2.95
H2 C3R E . 17.10 35.71 2.78
H1 C3R E . 16.67 36.91 3.61
H4 C3R E . 15.88 36.20 6.55
H3 C3R E . 17.37 36.35 6.18
H5 C3R E . 16.91 35.30 7.25
H6 C3R E . 20.23 35.00 5.94
H7 C3R E . 18.69 34.17 8.94
H10 C3R E . 19.28 36.55 10.41
H8 C3R E . 17.95 36.18 9.72
H9 C3R E . 19.15 36.67 8.86
H12 C3R E . 18.02 34.91 11.92
H11 C3R E . 17.44 33.66 11.22
H14 C3R E . 13.30 36.15 -0.04
H13 C3R E . 14.06 35.12 -0.90
H15 C3R E . 14.61 36.56 -0.72
H16 C3R E . 14.38 34.78 1.49
H17 C3R E . 16.74 35.07 -0.01
H18 C3R E . 15.98 32.96 1.60
H19 C3R E . 17.40 31.91 0.02
H20 C3R E . 18.78 33.14 -0.80
H21 C3R E . 17.88 31.19 2.22
H22 C3R E . 19.74 30.70 1.48
H23 C3R E . 15.75 37.27 1.48
H24 C3R E . 14.54 36.92 2.34
H25 C3R E . 14.83 35.67 4.54
H26 C3R E . 15.19 34.49 3.66
H27 C3R E . 16.07 33.86 5.69
H28 C3R E . 18.40 35.00 4.47
H30 C3R E . 18.24 32.42 7.54
H31 C3R E . 18.91 31.64 6.38
H29 C3R E . 17.45 32.12 6.24
H32 C3R E . 20.70 32.87 7.67
H34 C3R E . 22.63 34.74 6.67
H35 C3R E . 22.49 33.28 6.13
H33 C3R E . 22.98 33.54 7.59
H36 C3R E . 20.21 34.40 11.32
H38 C3R E . 21.09 31.29 11.08
H39 C3R E . 21.58 32.71 11.51
H37 C3R E . 21.69 32.27 10.01
C10 C3R F . -3.83 4.65 -18.51
C13 C3R F . -6.92 5.02 -18.71
C15 C3R F . -6.67 7.07 -21.00
C17 C3R F . -7.06 6.53 -22.16
C20 C3R F . -9.38 6.03 -22.86
C21 C3R F . -10.15 6.01 -21.55
C22 C3R F . -10.36 4.58 -21.10
C26 C3R F . -12.40 6.62 -20.44
C01 C3R F . -0.43 4.85 -16.46
C02 C3R F . -1.76 5.36 -17.03
C03 C3R F . -1.51 6.51 -17.97
C04 C3R F . -1.40 6.51 -19.30
C05 C3R F . -1.14 7.68 -20.22
O06 C3R F . -0.60 7.22 -21.41
C07 C3R F . -2.44 8.56 -20.57
O08 C3R F . -2.17 9.19 -21.80
C09 C3R F . -2.63 4.22 -17.65
C11 C3R F . -4.69 5.76 -17.86
C12 C3R F . -5.94 6.17 -18.68
C14 C3R F . -5.54 6.52 -20.15
C16 C3R F . -7.35 8.31 -20.50
C18 C3R F . -8.17 6.95 -23.08
C19 C3R F . -7.69 6.98 -24.53
C23 C3R F . -11.51 6.74 -21.68
O24 C3R F . -11.14 8.09 -21.88
C25 C3R F . -11.36 8.64 -23.16
C27 C3R F . -13.66 7.47 -20.60
O28 C3R F . -14.17 7.53 -21.74
O29 C3R F . -14.07 8.07 -19.57
O30 C3R F . -9.70 5.31 -23.79
O31 C3R F . -4.58 7.57 -20.03
C32 C3R F . -3.60 7.64 -20.95
O33 C3R F . -3.64 7.01 -21.98
H2 C3R F . -4.39 3.88 -18.70
H1 C3R F . -3.56 4.95 -19.40
H4 C3R F . -6.67 4.33 -19.34
H3 C3R F . -7.01 4.58 -17.85
H5 C3R F . -7.81 5.31 -18.98
H6 C3R F . -6.64 5.76 -22.46
H7 C3R F . -9.64 6.48 -20.87
H10 C3R F . -9.63 3.99 -21.32
H8 C3R F . -11.14 4.19 -21.52
H9 C3R F . -10.50 4.50 -20.15
H12 C3R F . -12.66 5.69 -20.32
H11 C3R F . -11.97 6.88 -19.62
H14 C3R F . -0.54 4.17 -15.78
H13 C3R F . 0.12 5.53 -16.06
H15 C3R F . 0.13 4.43 -17.13
H16 C3R F . -2.25 5.70 -16.26
H17 C3R F . -1.42 7.33 -17.53
H18 C3R F . -1.48 5.69 -19.74
H19 C3R F . -0.51 8.23 -19.74
H20 C3R F . 0.25 7.30 -21.35
H21 C3R F . -2.66 9.16 -19.85
H22 C3R F . -2.24 10.02 -21.68
H23 C3R F . -2.93 3.63 -16.94
H24 C3R F . -2.05 3.65 -18.17
H25 C3R F . -4.13 6.53 -17.66
H26 C3R F . -4.95 5.45 -16.97
H27 C3R F . -6.36 6.93 -18.27
H28 C3R F . -5.21 5.74 -20.60
H30 C3R F . -7.06 8.59 -19.61
H31 C3R F . -8.30 8.18 -20.43
H29 C3R F . -7.21 9.06 -21.08
H32 C3R F . -8.46 7.84 -22.83
H34 C3R F . -6.97 7.61 -24.69
H35 C3R F . -7.38 6.12 -24.84
H33 C3R F . -8.41 7.24 -25.14
H36 C3R F . -11.97 6.37 -22.45
H38 C3R F . -11.71 9.54 -23.04
H39 C3R F . -10.59 8.72 -23.74
H37 C3R F . -12.04 8.13 -23.63
C10 C3R G . -23.97 -20.48 20.05
C13 C3R G . -25.08 -17.66 20.68
C15 C3R G . -25.63 -16.91 17.51
C17 C3R G . -26.84 -16.33 17.44
C20 C3R G . -28.82 -15.47 18.80
C21 C3R G . -27.95 -14.50 19.60
C22 C3R G . -27.97 -14.89 21.07
C26 C3R G . -27.57 -12.05 20.36
C01 C3R G . -20.94 -22.99 19.32
C02 C3R G . -21.80 -21.73 19.21
C03 C3R G . -22.24 -21.56 17.80
C04 C3R G . -23.31 -22.11 17.21
C05 C3R G . -23.77 -21.93 15.80
O06 C3R G . -24.96 -22.60 15.57
C07 C3R G . -23.99 -20.43 15.41
O08 C3R G . -24.71 -20.48 14.21
C09 C3R G . -23.00 -21.70 20.18
C11 C3R G . -23.26 -19.14 19.74
C12 C3R G . -24.22 -17.93 19.45
C14 C3R G . -25.17 -18.20 18.22
C16 C3R G . -24.55 -16.21 16.80
C18 C3R G . -28.22 -16.67 18.00
C19 C3R G . -28.26 -17.90 18.86
C23 C3R G . -28.37 -12.99 19.44
O24 C3R G . -28.09 -12.70 18.09
C25 C3R G . -29.22 -12.53 17.24
C27 C3R G . -27.58 -10.55 19.95
O28 C3R G . -28.54 -10.13 19.28
O29 C3R G . -26.61 -9.85 20.36
O30 C3R G . -30.03 -15.35 18.78
O31 C3R G . -24.35 -18.89 17.26
C32 C3R G . -24.96 -19.75 16.40
O33 C3R G . -26.15 -19.95 16.40
H2 C3R G . -24.49 -20.39 20.86
H1 C3R G . -24.65 -20.63 19.38
H4 C3R G . -25.68 -18.39 20.89
H3 C3R G . -25.63 -16.87 20.58
H5 C3R G . -24.54 -17.52 21.47
H6 C3R G . -26.89 -15.53 16.94
H7 C3R G . -27.04 -14.58 19.29
H10 C3R G . -27.16 -14.65 21.56
H8 C3R G . -28.69 -14.44 21.56
H9 C3R G . -28.10 -15.84 21.21
H12 C3R G . -27.92 -12.13 21.25
H11 C3R G . -26.63 -12.31 20.44
H14 C3R G . -20.20 -23.02 18.69
H13 C3R G . -20.53 -23.12 20.19
H15 C3R G . -21.42 -23.81 19.13
H16 C3R G . -21.22 -20.99 19.44
H17 C3R G . -21.70 -20.99 17.29
H18 C3R G . -23.86 -22.66 17.71
H19 C3R G . -23.05 -22.29 15.25
H20 C3R G . -24.79 -23.29 15.12
H21 C3R G . -23.14 -19.95 15.34
H22 C3R G . -24.19 -20.25 13.58
H23 C3R G . -23.50 -22.52 20.10
H24 C3R G . -22.66 -21.74 21.09
H25 C3R G . -22.64 -18.92 20.44
H26 C3R G . -22.67 -19.28 18.98
H27 C3R G . -23.69 -17.14 19.27
H28 C3R G . -25.96 -18.68 18.51
H30 C3R G . -23.66 -16.59 16.94
H31 C3R G . -24.47 -15.29 17.08
H29 C3R G . -24.67 -16.19 15.84
H32 C3R G . -28.84 -16.80 17.25
H34 C3R G . -29.12 -18.03 19.29
H35 C3R G . -27.60 -17.87 19.56
H33 C3R G . -28.08 -18.69 18.34
H36 C3R G . -29.31 -12.92 19.65
H38 C3R G . -28.99 -11.85 16.60
H39 C3R G . -30.04 -12.25 17.68
H37 C3R G . -29.41 -13.35 16.76
C10 C3R H . 11.01 -20.30 -4.80
C13 C3R H . 13.91 -20.66 -4.57
C15 C3R H . 14.01 -23.65 -3.31
C17 C3R H . 14.97 -24.21 -4.06
C20 C3R H . 17.48 -24.29 -3.84
C21 C3R H . 17.72 -22.89 -3.28
C22 C3R H . 18.19 -21.96 -4.39
C26 C3R H . 18.96 -21.49 -1.46
C01 C3R H . 8.70 -21.10 -6.74
C02 C3R H . 8.51 -20.86 -5.24
C03 C3R H . 8.56 -22.16 -4.48
C04 C3R H . 8.57 -23.40 -4.97
C05 C3R H . 8.62 -24.69 -4.21
O06 C3R H . 8.85 -25.78 -5.06
C07 C3R H . 9.74 -24.74 -3.10
O08 C3R H . 9.86 -26.09 -2.80
C09 C3R H . 9.52 -19.88 -4.65
C11 C3R H . 11.67 -20.55 -3.43
C12 C3R H . 13.02 -21.30 -3.49
C14 C3R H . 12.87 -22.81 -3.86
C16 C3R H . 14.03 -23.83 -1.83
C18 C3R H . 16.14 -25.06 -3.65
C19 C3R H . 16.11 -26.38 -4.39
C23 C3R H . 18.76 -22.87 -2.09
O24 C3R H . 18.22 -23.76 -1.13
C25 C3R H . 18.82 -25.03 -1.05
C27 C3R H . 19.91 -21.48 -0.20
O28 C3R H . 19.96 -20.44 0.48
O29 C3R H . 20.54 -22.54 0.02
O30 C3R H . 18.34 -24.85 -4.49
O31 C3R H . 11.69 -23.27 -3.21
C32 C3R H . 11.10 -24.41 -3.71
O33 C3R H . 11.65 -25.09 -4.55
H2 C3R H . 11.49 -19.62 -5.28
H1 C3R H . 11.11 -21.09 -5.35
H4 C3R H . 13.96 -19.69 -4.47
H3 C3R H . 14.82 -20.98 -4.54
H5 C3R H . 13.57 -20.82 -5.45
H6 C3R H . 14.94 -24.08 -4.98
H7 C3R H . 16.88 -22.55 -2.93
H10 C3R H . 19.13 -21.75 -4.35
H8 C3R H . 18.04 -22.36 -5.26
H9 C3R H . 17.71 -21.12 -4.39
H12 C3R H . 19.33 -20.89 -2.12
H11 C3R H . 18.13 -21.08 -1.18
H14 C3R H . 9.49 -21.64 -6.95
H13 C3R H . 8.79 -20.30 -7.27
H15 C3R H . 7.97 -21.60 -7.14
H16 C3R H . 7.63 -20.48 -5.14
H17 C3R H . 8.57 -22.06 -3.56
H18 C3R H . 8.55 -23.52 -5.90
H19 C3R H . 7.75 -24.77 -3.77
H20 C3R H . 8.10 -26.17 -5.19
H21 C3R H . 9.51 -24.17 -2.35
H22 C3R H . 9.63 -26.21 -1.99
H23 C3R H . 9.40 -19.00 -5.03
H24 C3R H . 9.31 -19.74 -3.71
H25 C3R H . 11.75 -19.72 -2.96
H26 C3R H . 11.04 -21.05 -2.88
H27 C3R H . 13.47 -21.22 -2.64
H28 C3R H . 12.88 -22.92 -4.82
H30 C3R H . 13.91 -24.74 -1.53
H31 C3R H . 14.87 -23.53 -1.45
H29 C3R H . 13.33 -23.31 -1.38
H32 C3R H . 16.08 -25.23 -2.69
H34 C3R H . 15.30 -26.87 -4.25
H35 C3R H . 16.21 -26.27 -5.35
H33 C3R H . 16.84 -26.96 -4.11
H36 C3R H . 19.61 -23.19 -2.43
H38 C3R H . 18.80 -25.29 -0.11
H39 C3R H . 19.73 -25.09 -1.35
H37 C3R H . 18.29 -25.67 -1.55
#